data_5O5B
#
_entry.id   5O5B
#
_cell.length_a   1.0
_cell.length_b   1.0
_cell.length_c   1.0
_cell.angle_alpha   90.0
_cell.angle_beta   90.0
_cell.angle_gamma   90.0
#
_symmetry.space_group_name_H-M   'P 1'
#
loop_
_entity.id
_entity.type
_entity.pdbx_description
1 polymer 'Capsid proteins, VP1'
2 polymer 'Capsid proteins, VP2'
3 polymer 'Capsid proteins, VP3'
4 polymer 'Capsid proteins, VP4'
#
loop_
_entity_poly.entity_id
_entity_poly.type
_entity_poly.pdbx_seq_one_letter_code
_entity_poly.pdbx_strand_id
1 'polypeptide(L)'
;GIEDLITEVAQGALTLSLPKQQDSLPDTKASGPAHSKEVPALTAVETGATNPLVPSDTVQTRHVIQRRSRSESTIESFFA
RGACVAIIEVDNEEPTTRAQKLFAMWRITYKDTVQLRRKLEFFTYSRFDMELTFVVTANFTNTNNGHALNQVYQIMYIPP
GAPTPKSWDDYTWQTSSNPSIFYTYGAAPARISVPYVGLANAYSHFYDGFAKVPLKTDANDQIGDSLYSAMTVDDFGVLA
IRVVNDHNPTKVTSKVRIYMKPKHVRVWCPRPPRAVPYYGPGVDYKDNLNPLSEKGLTTY
;
1
2 'polypeptide(L)'
;SPNVEACGYSDRVLQLTIGNSTITTQEAANSVVAYGRWPEFIRDDEANPVDQPTEPDVATCRFYTLDTVMWGKESKGWWW
KLPDALRDMGLFGQNMYYHYLGRSGYTVHVQCNASKFHQGALGVFAIPEYCLAGDSDKQRYTSYANANPGEKGGKFYSQF
NRDTAVTSPKREFCPVDYLLGCGVLLGNAFVYPHQIINLRTNNSATIVLPYVNAMAIDSMVKHNNWGIAILPLSPLDFAQ
ESSVEIPITVTIAPMCSEFNGLRNVTAPKFQ
;
2
3 'polypeptide(L)'
;GLPVLNTPGSNQYLTSDNYQSPCAIPEFDVTPPIDIPGEVKNMMELAEIDTMIPLNLENTKRNTMDMYRVTLSDSADLSQ
PILCFSLSPASDPRLSHTMLGEVLNYYTHWAGSLKFTFLFCGSMMATGKILVAYAPPGAQPPTSRKEAMLGTHVIWDLGL
QSSCTMVVPWISNVTYRQTTQDSFTEGGYISMFYQTRIVVPLSTPKSMSMLGFVSACNDFSVRLLRDTTHISQSALPQ
;
3
4 'polypeptide(L)' MGAQVSSQKVGAHENSNRAYGGSTINYTTINYYKDSASNAASKQDYSQDPSKFTEPLKDVLIKTAPALN 4
#
# COMPACT_ATOMS: atom_id res chain seq x y z
N GLN A 66 -18.53 -0.96 -22.68
CA GLN A 66 -18.59 -0.85 -24.14
C GLN A 66 -18.44 0.59 -24.59
N ARG A 67 -17.67 0.77 -25.67
CA ARG A 67 -17.37 2.08 -26.29
C ARG A 67 -16.76 3.06 -25.30
N ARG A 68 -15.89 2.56 -24.41
CA ARG A 68 -15.09 3.43 -23.55
C ARG A 68 -13.67 2.88 -23.56
N SER A 69 -12.74 3.68 -24.07
CA SER A 69 -11.34 3.29 -24.11
C SER A 69 -10.78 3.26 -22.69
N ARG A 70 -10.41 2.07 -22.23
CA ARG A 70 -9.82 1.87 -20.92
C ARG A 70 -8.30 1.87 -21.00
N SER A 71 -7.74 2.53 -22.01
CA SER A 71 -6.31 2.46 -22.27
C SER A 71 -5.52 3.51 -21.50
N GLU A 72 -6.16 4.57 -21.05
CA GLU A 72 -5.44 5.62 -20.34
C GLU A 72 -5.08 5.20 -18.94
N SER A 73 -5.81 4.25 -18.36
CA SER A 73 -5.60 3.86 -16.98
C SER A 73 -4.71 2.64 -16.81
N THR A 74 -4.14 2.09 -17.88
CA THR A 74 -3.31 0.90 -17.75
C THR A 74 -2.02 1.22 -16.99
N ILE A 75 -1.34 0.16 -16.52
CA ILE A 75 -0.20 0.33 -15.64
C ILE A 75 0.96 0.96 -16.39
N GLU A 76 1.16 0.54 -17.63
CA GLU A 76 2.22 1.11 -18.46
C GLU A 76 1.92 2.55 -18.86
N SER A 77 0.66 2.97 -18.80
CA SER A 77 0.31 4.36 -19.03
C SER A 77 0.19 5.15 -17.75
N PHE A 78 0.11 4.50 -16.60
CA PHE A 78 0.03 5.21 -15.33
C PHE A 78 1.39 5.71 -14.88
N PHE A 79 2.46 5.01 -15.27
CA PHE A 79 3.82 5.40 -14.95
C PHE A 79 4.52 6.03 -16.14
N ALA A 80 3.79 6.74 -17.00
CA ALA A 80 4.38 7.27 -18.20
C ALA A 80 5.17 8.54 -17.95
N ARG A 81 4.83 9.29 -16.91
CA ARG A 81 5.55 10.52 -16.64
C ARG A 81 6.79 10.25 -15.81
N GLY A 82 7.77 11.14 -15.94
CA GLY A 82 9.01 10.99 -15.22
C GLY A 82 9.28 12.11 -14.23
N ALA A 83 9.25 11.79 -12.93
CA ALA A 83 9.39 12.79 -11.90
C ALA A 83 10.81 12.80 -11.36
N CYS A 84 11.20 13.92 -10.75
CA CYS A 84 12.57 14.03 -10.24
C CYS A 84 12.76 13.15 -9.02
N VAL A 85 14.00 12.75 -8.81
CA VAL A 85 14.35 11.97 -7.64
C VAL A 85 15.37 12.67 -6.75
N ALA A 86 16.17 13.58 -7.28
CA ALA A 86 17.15 14.31 -6.47
C ALA A 86 17.62 15.55 -7.19
N ILE A 87 18.29 16.42 -6.43
CA ILE A 87 19.01 17.58 -6.93
C ILE A 87 20.38 17.56 -6.28
N ILE A 88 21.43 17.54 -7.08
CA ILE A 88 22.79 17.39 -6.59
C ILE A 88 23.56 18.66 -6.86
N GLU A 89 24.10 19.25 -5.80
CA GLU A 89 25.03 20.37 -5.92
C GLU A 89 26.41 19.85 -6.27
N VAL A 90 27.07 20.54 -7.20
CA VAL A 90 28.48 20.32 -7.46
C VAL A 90 29.08 21.65 -7.89
N ASP A 91 30.21 22.00 -7.30
CA ASP A 91 30.77 23.32 -7.46
C ASP A 91 32.18 23.22 -8.03
N ASN A 92 32.69 24.32 -8.58
CA ASN A 92 34.02 24.35 -9.19
C ASN A 92 34.77 25.58 -8.70
N GLU A 93 35.39 25.50 -7.53
CA GLU A 93 36.06 26.65 -6.95
C GLU A 93 37.49 26.26 -6.60
N GLU A 94 38.24 27.25 -6.10
CA GLU A 94 39.56 26.98 -5.57
C GLU A 94 39.44 26.07 -4.34
N PRO A 95 40.27 25.03 -4.22
CA PRO A 95 40.07 24.04 -3.16
C PRO A 95 40.31 24.59 -1.77
N THR A 96 39.23 24.70 -1.01
CA THR A 96 39.26 25.29 0.32
C THR A 96 39.47 24.22 1.38
N THR A 97 39.62 24.67 2.63
CA THR A 97 39.73 23.78 3.77
C THR A 97 38.37 23.26 4.24
N ARG A 98 37.27 23.73 3.65
CA ARG A 98 35.93 23.36 4.05
C ARG A 98 35.55 22.05 3.35
N ALA A 99 34.27 21.68 3.44
CA ALA A 99 33.77 20.51 2.72
C ALA A 99 33.71 20.84 1.24
N GLN A 100 34.71 20.39 0.50
CA GLN A 100 34.85 20.74 -0.91
C GLN A 100 33.81 19.99 -1.73
N LYS A 101 32.99 20.73 -2.46
CA LYS A 101 32.06 20.13 -3.41
C LYS A 101 32.67 20.03 -4.80
N LEU A 102 33.88 19.48 -4.88
CA LEU A 102 34.49 19.25 -6.17
C LEU A 102 33.87 18.04 -6.86
N PHE A 103 33.46 17.05 -6.08
CA PHE A 103 32.71 15.92 -6.59
C PHE A 103 31.57 15.66 -5.61
N ALA A 104 30.46 15.18 -6.11
CA ALA A 104 29.34 14.89 -5.24
C ALA A 104 28.81 13.50 -5.53
N MET A 105 28.17 12.93 -4.52
CA MET A 105 27.67 11.56 -4.58
C MET A 105 26.22 11.53 -4.18
N TRP A 106 25.49 10.56 -4.70
CA TRP A 106 24.06 10.44 -4.43
C TRP A 106 23.70 8.97 -4.36
N ARG A 107 23.19 8.54 -3.21
CA ARG A 107 22.73 7.18 -3.04
C ARG A 107 21.51 6.93 -3.90
N ILE A 108 21.55 5.88 -4.73
CA ILE A 108 20.44 5.61 -5.63
C ILE A 108 19.25 5.09 -4.85
N THR A 109 18.18 5.88 -4.81
CA THR A 109 16.94 5.48 -4.18
C THR A 109 15.81 6.27 -4.78
N TYR A 110 14.59 5.76 -4.66
CA TYR A 110 13.42 6.48 -5.12
C TYR A 110 12.69 7.19 -4.00
N LYS A 111 13.00 6.84 -2.75
CA LYS A 111 12.28 7.39 -1.59
C LYS A 111 12.98 8.64 -1.06
N ASP A 112 13.19 9.59 -1.97
CA ASP A 112 13.70 10.90 -1.63
C ASP A 112 12.65 11.98 -1.83
N THR A 113 11.93 11.92 -2.95
CA THR A 113 10.79 12.81 -3.16
C THR A 113 9.54 12.11 -2.64
N VAL A 114 8.37 12.72 -2.86
CA VAL A 114 7.12 12.18 -2.36
C VAL A 114 6.20 11.72 -3.48
N GLN A 115 6.22 12.39 -4.63
CA GLN A 115 5.21 12.07 -5.65
C GLN A 115 5.51 10.76 -6.35
N LEU A 116 6.78 10.41 -6.51
CA LEU A 116 7.08 9.10 -7.09
C LEU A 116 6.99 8.00 -6.04
N ARG A 117 7.32 8.34 -4.79
CA ARG A 117 7.27 7.35 -3.73
C ARG A 117 5.84 6.95 -3.41
N ARG A 118 4.95 7.94 -3.27
CA ARG A 118 3.57 7.65 -2.95
C ARG A 118 2.84 6.97 -4.11
N LYS A 119 3.33 7.13 -5.33
CA LYS A 119 2.76 6.47 -6.48
C LYS A 119 3.20 5.02 -6.61
N LEU A 120 4.47 4.72 -6.32
CA LEU A 120 4.93 3.33 -6.39
C LEU A 120 4.39 2.49 -5.26
N GLU A 121 3.99 3.10 -4.15
CA GLU A 121 3.56 2.32 -3.00
C GLU A 121 2.08 2.04 -2.98
N PHE A 122 1.44 2.02 -4.15
CA PHE A 122 0.18 1.30 -4.25
C PHE A 122 0.39 -0.20 -4.30
N PHE A 123 1.62 -0.65 -4.52
CA PHE A 123 1.93 -1.99 -4.97
C PHE A 123 3.04 -2.57 -4.12
N THR A 124 2.89 -3.83 -3.73
CA THR A 124 3.89 -4.43 -2.86
C THR A 124 5.11 -4.87 -3.65
N TYR A 125 4.92 -5.65 -4.70
CA TYR A 125 6.02 -6.09 -5.53
C TYR A 125 5.89 -5.49 -6.92
N SER A 126 7.02 -5.32 -7.58
CA SER A 126 7.04 -4.76 -8.92
C SER A 126 8.35 -5.13 -9.60
N ARG A 127 8.32 -5.12 -10.92
CA ARG A 127 9.54 -5.19 -11.70
C ARG A 127 9.37 -4.32 -12.93
N PHE A 128 10.41 -3.56 -13.26
CA PHE A 128 10.32 -2.54 -14.28
C PHE A 128 11.70 -2.09 -14.68
N ASP A 129 11.85 -1.68 -15.94
CA ASP A 129 13.10 -1.11 -16.41
C ASP A 129 13.19 0.34 -15.99
N MET A 130 14.13 1.08 -16.57
CA MET A 130 14.32 2.46 -16.15
C MET A 130 14.77 3.28 -17.34
N GLU A 131 14.58 4.59 -17.24
CA GLU A 131 15.17 5.51 -18.22
C GLU A 131 15.47 6.81 -17.49
N LEU A 132 16.74 7.02 -17.15
CA LEU A 132 17.14 8.21 -16.42
C LEU A 132 17.39 9.36 -17.39
N THR A 133 17.39 10.58 -16.85
CA THR A 133 17.61 11.78 -17.65
C THR A 133 18.22 12.86 -16.77
N PHE A 134 19.32 13.44 -17.23
CA PHE A 134 20.14 14.34 -16.45
C PHE A 134 20.02 15.74 -17.02
N VAL A 135 19.53 16.68 -16.23
CA VAL A 135 19.33 18.06 -16.66
C VAL A 135 20.23 18.94 -15.79
N VAL A 136 21.14 19.66 -16.43
CA VAL A 136 22.22 20.35 -15.74
C VAL A 136 22.12 21.85 -15.98
N THR A 137 22.10 22.63 -14.91
CA THR A 137 22.13 24.08 -14.98
C THR A 137 23.42 24.61 -14.37
N ALA A 138 23.64 25.92 -14.50
CA ALA A 138 24.86 26.53 -14.00
C ALA A 138 24.61 27.99 -13.65
N ASN A 139 25.52 28.55 -12.86
CA ASN A 139 25.40 29.93 -12.39
C ASN A 139 26.79 30.52 -12.26
N PHE A 140 26.83 31.81 -11.93
CA PHE A 140 28.04 32.46 -11.45
C PHE A 140 27.81 32.93 -10.02
N THR A 141 28.87 33.45 -9.39
CA THR A 141 28.81 33.96 -8.03
C THR A 141 29.26 35.41 -7.90
N ASN A 142 29.66 36.06 -8.99
CA ASN A 142 30.06 37.46 -8.97
C ASN A 142 29.33 38.20 -10.06
N THR A 143 29.11 39.50 -9.83
CA THR A 143 28.20 40.31 -10.65
C THR A 143 28.68 40.45 -12.09
N ASN A 144 29.80 41.15 -12.30
CA ASN A 144 30.48 41.10 -13.59
C ASN A 144 31.64 40.11 -13.50
N ASN A 145 31.28 38.85 -13.30
CA ASN A 145 32.29 37.81 -13.21
C ASN A 145 32.88 37.56 -14.58
N GLY A 146 34.15 37.17 -14.59
CA GLY A 146 34.86 36.89 -15.81
C GLY A 146 34.25 35.72 -16.56
N HIS A 147 34.42 35.72 -17.87
CA HIS A 147 33.78 34.72 -18.70
C HIS A 147 34.49 33.39 -18.52
N ALA A 148 33.82 32.31 -18.91
CA ALA A 148 34.40 30.99 -18.73
C ALA A 148 34.00 30.09 -19.88
N LEU A 149 34.86 29.13 -20.19
CA LEU A 149 34.63 28.23 -21.31
C LEU A 149 33.58 27.19 -20.95
N ASN A 150 33.09 26.50 -21.98
CA ASN A 150 31.99 25.55 -21.80
C ASN A 150 32.49 24.28 -21.13
N GLN A 151 31.73 23.81 -20.15
CA GLN A 151 32.21 22.82 -19.20
C GLN A 151 31.71 21.41 -19.51
N VAL A 152 32.42 20.43 -18.99
CA VAL A 152 32.16 19.02 -19.27
C VAL A 152 31.96 18.30 -17.94
N TYR A 153 30.86 17.58 -17.81
CA TYR A 153 30.54 16.85 -16.61
C TYR A 153 30.75 15.36 -16.83
N GLN A 154 31.16 14.67 -15.76
CA GLN A 154 31.32 13.22 -15.82
C GLN A 154 30.40 12.59 -14.78
N ILE A 155 29.26 12.11 -15.23
CA ILE A 155 28.40 11.29 -14.39
C ILE A 155 29.00 9.89 -14.35
N MET A 156 29.05 9.27 -13.19
CA MET A 156 29.68 7.97 -13.11
C MET A 156 28.89 7.05 -12.19
N TYR A 157 28.53 5.88 -12.69
CA TYR A 157 27.81 4.90 -11.91
C TYR A 157 28.78 4.04 -11.14
N ILE A 158 28.41 3.68 -9.91
CA ILE A 158 29.25 2.83 -9.08
C ILE A 158 28.41 1.69 -8.51
N PRO A 159 28.66 0.45 -8.88
CA PRO A 159 27.93 -0.68 -8.30
C PRO A 159 28.31 -0.88 -6.85
N PRO A 160 27.53 -1.65 -6.09
CA PRO A 160 27.88 -1.87 -4.67
C PRO A 160 29.12 -2.73 -4.52
N GLY A 161 30.11 -2.21 -3.79
CA GLY A 161 31.36 -2.89 -3.53
C GLY A 161 32.55 -2.29 -4.25
N ALA A 162 32.31 -1.52 -5.31
CA ALA A 162 33.38 -0.89 -6.06
C ALA A 162 34.04 0.20 -5.21
N PRO A 163 35.29 0.56 -5.49
CA PRO A 163 35.94 1.62 -4.72
C PRO A 163 35.33 2.99 -4.99
N THR A 164 35.02 3.68 -3.92
CA THR A 164 34.42 5.02 -3.83
C THR A 164 35.50 6.07 -4.04
N PRO A 165 35.25 7.11 -4.83
CA PRO A 165 36.23 8.18 -4.98
C PRO A 165 36.37 8.96 -3.69
N LYS A 166 37.57 9.50 -3.48
CA LYS A 166 37.87 10.22 -2.26
C LYS A 166 38.33 11.63 -2.48
N SER A 167 39.01 11.91 -3.59
CA SER A 167 39.43 13.26 -3.93
C SER A 167 38.77 13.65 -5.23
N TRP A 168 39.21 14.78 -5.78
CA TRP A 168 38.70 15.19 -7.09
C TRP A 168 39.21 14.27 -8.18
N ASP A 169 40.47 13.85 -8.09
CA ASP A 169 41.12 13.08 -9.15
C ASP A 169 41.82 11.86 -8.57
N ASP A 170 41.10 10.77 -8.42
CA ASP A 170 41.71 9.56 -7.92
C ASP A 170 42.09 8.65 -9.07
N TYR A 171 42.57 7.45 -8.73
CA TYR A 171 42.75 6.39 -9.69
C TYR A 171 41.43 5.77 -10.12
N THR A 172 40.33 6.09 -9.43
CA THR A 172 39.06 5.45 -9.73
C THR A 172 38.25 6.21 -10.76
N TRP A 173 38.65 7.41 -11.14
CA TRP A 173 37.94 8.11 -12.20
C TRP A 173 38.43 7.73 -13.58
N GLN A 174 39.19 6.64 -13.70
CA GLN A 174 39.64 6.14 -15.00
C GLN A 174 38.55 5.40 -15.75
N THR A 175 37.37 5.21 -15.13
CA THR A 175 36.17 4.50 -15.59
C THR A 175 36.44 3.22 -16.37
N SER A 176 37.40 2.44 -15.89
CA SER A 176 37.86 1.28 -16.65
C SER A 176 36.85 0.14 -16.64
N SER A 177 35.94 0.12 -15.69
CA SER A 177 34.89 -0.90 -15.71
C SER A 177 33.53 -0.26 -15.55
N ASN A 178 33.44 0.79 -14.76
CA ASN A 178 32.16 1.39 -14.44
C ASN A 178 31.66 2.22 -15.60
N PRO A 179 30.38 2.12 -15.97
CA PRO A 179 29.86 2.95 -17.06
C PRO A 179 29.72 4.39 -16.62
N SER A 180 30.13 5.31 -17.49
CA SER A 180 30.13 6.73 -17.17
C SER A 180 29.72 7.53 -18.40
N ILE A 181 29.14 8.70 -18.15
CA ILE A 181 28.51 9.49 -19.20
C ILE A 181 29.16 10.86 -19.20
N PHE A 182 29.77 11.23 -20.31
CA PHE A 182 30.33 12.55 -20.47
C PHE A 182 29.30 13.44 -21.13
N TYR A 183 28.99 14.55 -20.47
CA TYR A 183 27.91 15.43 -20.89
C TYR A 183 28.47 16.83 -21.05
N THR A 184 28.67 17.24 -22.29
CA THR A 184 29.07 18.60 -22.59
C THR A 184 27.91 19.53 -22.26
N TYR A 185 28.18 20.61 -21.56
CA TYR A 185 27.11 21.50 -21.13
C TYR A 185 26.53 22.28 -22.31
N GLY A 186 25.21 22.38 -22.34
CA GLY A 186 24.53 23.14 -23.35
C GLY A 186 23.77 22.33 -24.37
N ALA A 187 24.09 21.05 -24.52
CA ALA A 187 23.48 20.21 -25.55
C ALA A 187 22.16 19.64 -25.06
N ALA A 188 21.67 18.62 -25.77
CA ALA A 188 20.50 17.88 -25.34
C ALA A 188 20.83 17.10 -24.07
N PRO A 189 19.83 16.83 -23.22
CA PRO A 189 20.09 16.11 -21.97
C PRO A 189 20.49 14.66 -22.20
N ALA A 190 21.15 14.09 -21.21
CA ALA A 190 21.52 12.68 -21.25
C ALA A 190 20.29 11.82 -21.03
N ARG A 191 20.34 10.60 -21.56
CA ARG A 191 19.13 9.79 -21.62
C ARG A 191 19.58 8.33 -21.77
N ILE A 192 19.69 7.61 -20.65
CA ILE A 192 20.20 6.24 -20.68
C ILE A 192 19.16 5.32 -20.06
N SER A 193 19.23 4.04 -20.42
CA SER A 193 18.30 3.04 -19.93
C SER A 193 19.02 2.03 -19.06
N VAL A 194 18.30 1.50 -18.07
CA VAL A 194 18.83 0.51 -17.15
C VAL A 194 17.85 -0.65 -17.12
N PRO A 195 18.28 -1.88 -17.34
CA PRO A 195 17.34 -3.01 -17.28
C PRO A 195 16.96 -3.39 -15.87
N TYR A 196 16.21 -4.46 -15.71
CA TYR A 196 15.82 -4.92 -14.38
C TYR A 196 17.03 -5.50 -13.67
N VAL A 197 17.57 -4.74 -12.72
CA VAL A 197 18.81 -5.10 -12.04
C VAL A 197 18.55 -5.75 -10.68
N GLY A 198 17.34 -6.23 -10.45
CA GLY A 198 17.05 -6.92 -9.21
C GLY A 198 17.72 -8.28 -9.16
N LEU A 199 17.78 -8.83 -7.96
CA LEU A 199 18.29 -10.18 -7.79
C LEU A 199 17.24 -11.18 -7.35
N ALA A 200 16.10 -10.74 -6.84
CA ALA A 200 14.95 -11.61 -6.68
C ALA A 200 14.16 -11.58 -7.99
N ASN A 201 12.95 -12.12 -7.98
CA ASN A 201 12.14 -12.09 -9.19
C ASN A 201 11.39 -10.79 -9.36
N ALA A 202 11.43 -9.89 -8.37
CA ALA A 202 10.74 -8.62 -8.40
C ALA A 202 11.37 -7.73 -7.35
N TYR A 203 11.30 -6.42 -7.57
CA TYR A 203 11.69 -5.49 -6.52
C TYR A 203 10.70 -5.61 -5.38
N SER A 204 11.17 -5.43 -4.18
CA SER A 204 10.33 -5.60 -3.01
C SER A 204 10.21 -4.27 -2.29
N HIS A 205 9.11 -3.57 -2.54
CA HIS A 205 8.72 -2.52 -1.62
C HIS A 205 8.25 -3.19 -0.34
N PHE A 206 8.47 -2.52 0.79
CA PHE A 206 8.00 -2.94 2.11
C PHE A 206 8.53 -4.31 2.51
N TYR A 207 9.83 -4.40 2.69
CA TYR A 207 10.38 -5.62 3.27
C TYR A 207 10.06 -5.65 4.75
N ASP A 208 9.53 -6.77 5.23
CA ASP A 208 9.06 -6.80 6.61
C ASP A 208 10.13 -7.16 7.63
N GLY A 209 11.01 -8.09 7.32
CA GLY A 209 11.86 -8.67 8.33
C GLY A 209 13.11 -7.88 8.59
N PHE A 210 14.12 -8.58 9.08
CA PHE A 210 15.43 -8.02 9.37
C PHE A 210 16.42 -8.45 8.32
N ALA A 211 17.68 -8.08 8.55
CA ALA A 211 18.79 -8.65 7.83
C ALA A 211 19.56 -9.66 8.66
N LYS A 212 19.60 -9.47 9.98
CA LYS A 212 20.31 -10.35 10.89
C LYS A 212 19.39 -10.73 12.03
N VAL A 213 19.66 -11.89 12.63
CA VAL A 213 18.86 -12.41 13.72
C VAL A 213 19.76 -12.58 14.94
N PRO A 214 19.49 -11.89 16.05
CA PRO A 214 20.36 -12.01 17.23
C PRO A 214 20.18 -13.35 17.92
N LEU A 215 21.27 -14.08 18.05
CA LEU A 215 21.23 -15.42 18.62
C LEU A 215 21.47 -15.37 20.13
N LYS A 216 21.12 -16.48 20.78
CA LYS A 216 21.31 -16.58 22.22
C LYS A 216 22.79 -16.70 22.57
N THR A 217 23.58 -17.31 21.70
CA THR A 217 24.99 -17.57 21.95
C THR A 217 25.90 -16.39 21.60
N ASP A 218 25.34 -15.21 21.37
CA ASP A 218 26.14 -14.05 21.01
C ASP A 218 26.94 -13.55 22.20
N ALA A 219 28.05 -12.86 21.89
CA ALA A 219 28.85 -12.25 22.93
C ALA A 219 28.15 -11.02 23.50
N ASN A 220 27.91 -10.03 22.66
CA ASN A 220 27.21 -8.82 23.07
C ASN A 220 26.05 -8.56 22.12
N ASP A 221 25.44 -7.38 22.26
CA ASP A 221 24.22 -7.08 21.50
C ASP A 221 24.53 -6.65 20.07
N GLN A 222 25.67 -6.01 19.85
CA GLN A 222 25.92 -5.36 18.57
C GLN A 222 26.25 -6.35 17.46
N ILE A 223 26.58 -7.60 17.79
CA ILE A 223 26.90 -8.58 16.77
C ILE A 223 25.63 -9.00 16.02
N GLY A 224 24.60 -9.39 16.76
CA GLY A 224 23.32 -9.72 16.16
C GLY A 224 22.40 -8.55 15.90
N ASP A 225 22.92 -7.33 15.92
CA ASP A 225 22.11 -6.13 15.76
C ASP A 225 21.84 -5.86 14.28
N SER A 226 20.66 -5.35 13.99
CA SER A 226 20.28 -5.06 12.61
C SER A 226 19.33 -3.86 12.60
N LEU A 227 18.65 -3.66 11.48
CA LEU A 227 17.81 -2.51 11.24
C LEU A 227 16.49 -2.99 10.66
N TYR A 228 15.38 -2.59 11.27
CA TYR A 228 14.07 -3.09 10.87
C TYR A 228 13.69 -2.57 9.49
N SER A 229 13.14 -3.48 8.67
CA SER A 229 12.62 -3.20 7.33
C SER A 229 13.72 -2.69 6.39
N ALA A 230 14.78 -3.48 6.25
CA ALA A 230 15.85 -3.16 5.33
C ALA A 230 16.46 -4.44 4.80
N MET A 231 16.60 -4.55 3.48
CA MET A 231 17.16 -5.74 2.87
C MET A 231 18.67 -5.71 2.80
N THR A 232 19.24 -4.57 2.39
CA THR A 232 20.68 -4.42 2.24
C THR A 232 20.99 -2.99 2.66
N VAL A 233 22.18 -2.80 3.25
CA VAL A 233 22.62 -1.47 3.66
C VAL A 233 22.79 -0.57 2.43
N ASP A 234 23.47 -1.07 1.41
CA ASP A 234 23.75 -0.30 0.20
C ASP A 234 23.05 -0.98 -0.96
N ASP A 235 21.90 -0.45 -1.35
CA ASP A 235 21.21 -0.87 -2.56
C ASP A 235 21.67 -0.01 -3.72
N PHE A 236 22.17 -0.67 -4.76
CA PHE A 236 22.35 -0.16 -6.11
C PHE A 236 23.46 0.88 -6.22
N GLY A 237 24.20 1.13 -5.15
CA GLY A 237 25.37 1.98 -5.24
C GLY A 237 25.07 3.45 -5.31
N VAL A 238 25.91 4.21 -6.00
CA VAL A 238 25.83 5.67 -6.04
C VAL A 238 26.04 6.15 -7.47
N LEU A 239 25.76 7.43 -7.68
CA LEU A 239 26.30 8.19 -8.79
C LEU A 239 27.38 9.09 -8.24
N ALA A 240 28.37 9.43 -9.06
CA ALA A 240 29.48 10.25 -8.61
C ALA A 240 29.76 11.31 -9.67
N ILE A 241 29.16 12.48 -9.52
CA ILE A 241 29.23 13.53 -10.53
C ILE A 241 30.37 14.47 -10.19
N ARG A 242 31.26 14.71 -11.15
CA ARG A 242 32.30 15.70 -10.98
C ARG A 242 32.41 16.50 -12.26
N VAL A 243 33.20 17.57 -12.21
CA VAL A 243 33.45 18.43 -13.35
C VAL A 243 34.86 18.16 -13.85
N VAL A 244 35.00 17.92 -15.15
CA VAL A 244 36.27 17.44 -15.68
C VAL A 244 37.30 18.57 -15.70
N ASN A 245 36.86 19.81 -15.96
CA ASN A 245 37.78 20.93 -16.10
C ASN A 245 38.44 21.28 -14.78
N ASP A 246 39.70 21.70 -14.84
CA ASP A 246 40.42 22.13 -13.64
C ASP A 246 39.82 23.39 -13.09
N HIS A 247 40.06 23.64 -11.81
CA HIS A 247 39.40 24.73 -11.12
C HIS A 247 39.97 26.08 -11.54
N ASN A 248 39.17 27.11 -11.31
CA ASN A 248 39.42 28.46 -11.77
C ASN A 248 39.32 29.42 -10.59
N PRO A 249 39.84 30.64 -10.73
CA PRO A 249 39.49 31.68 -9.76
C PRO A 249 38.05 32.15 -9.86
N THR A 250 37.34 31.85 -10.95
CA THR A 250 35.91 32.07 -11.07
C THR A 250 35.17 30.75 -10.86
N LYS A 251 34.13 30.76 -10.03
CA LYS A 251 33.48 29.53 -9.63
C LYS A 251 32.06 29.45 -10.18
N VAL A 252 31.68 28.24 -10.58
CA VAL A 252 30.45 27.99 -11.33
C VAL A 252 29.67 26.92 -10.58
N THR A 253 28.54 27.31 -10.00
CA THR A 253 27.70 26.40 -9.22
C THR A 253 26.78 25.62 -10.14
N SER A 254 26.77 24.30 -10.00
CA SER A 254 25.98 23.44 -10.86
C SER A 254 24.96 22.66 -10.03
N LYS A 255 23.83 22.36 -10.66
CA LYS A 255 22.74 21.65 -9.97
C LYS A 255 22.18 20.62 -10.95
N VAL A 256 22.56 19.37 -10.76
CA VAL A 256 22.10 18.30 -11.64
C VAL A 256 20.78 17.77 -11.12
N ARG A 257 19.80 17.60 -11.99
CA ARG A 257 18.51 17.02 -11.64
C ARG A 257 18.33 15.73 -12.40
N ILE A 258 18.04 14.65 -11.68
CA ILE A 258 17.87 13.33 -12.28
C ILE A 258 16.38 13.03 -12.37
N TYR A 259 15.91 12.75 -13.57
CA TYR A 259 14.55 12.29 -13.79
C TYR A 259 14.55 10.78 -13.91
N MET A 260 13.37 10.18 -13.83
CA MET A 260 13.28 8.72 -13.83
C MET A 260 11.93 8.31 -14.37
N LYS A 261 11.92 7.47 -15.39
CA LYS A 261 10.69 7.06 -16.06
C LYS A 261 10.70 5.55 -16.21
N PRO A 262 9.89 4.83 -15.43
CA PRO A 262 9.90 3.37 -15.52
C PRO A 262 9.28 2.88 -16.82
N LYS A 263 9.80 1.78 -17.32
CA LYS A 263 9.30 1.16 -18.53
C LYS A 263 9.05 -0.32 -18.26
N HIS A 264 8.16 -0.89 -19.06
CA HIS A 264 7.83 -2.33 -19.06
C HIS A 264 7.36 -2.78 -17.69
N VAL A 265 6.44 -2.03 -17.12
CA VAL A 265 6.10 -2.17 -15.72
C VAL A 265 5.14 -3.33 -15.52
N ARG A 266 5.50 -4.24 -14.63
CA ARG A 266 4.59 -5.26 -14.12
C ARG A 266 4.57 -5.16 -12.61
N VAL A 267 3.38 -5.09 -12.02
CA VAL A 267 3.24 -4.95 -10.58
C VAL A 267 2.36 -6.05 -10.04
N TRP A 268 2.33 -6.16 -8.72
CA TRP A 268 1.58 -7.20 -8.04
C TRP A 268 1.11 -6.69 -6.69
N CYS A 269 0.07 -7.33 -6.16
CA CYS A 269 -0.41 -7.21 -4.78
C CYS A 269 -0.71 -5.79 -4.35
N PRO A 270 -1.84 -5.21 -4.75
CA PRO A 270 -2.11 -3.80 -4.44
C PRO A 270 -2.33 -3.57 -2.95
N ARG A 271 -2.04 -2.35 -2.52
CA ARG A 271 -2.20 -1.94 -1.13
C ARG A 271 -2.60 -0.48 -1.13
N PRO A 272 -3.25 0.00 -0.07
CA PRO A 272 -3.75 1.38 -0.07
C PRO A 272 -2.62 2.38 0.10
N PRO A 273 -2.81 3.62 -0.35
CA PRO A 273 -1.72 4.59 -0.35
C PRO A 273 -1.54 5.29 1.00
N ARG A 274 -0.38 5.93 1.11
CA ARG A 274 -0.04 6.66 2.33
C ARG A 274 -0.86 7.95 2.40
N ALA A 275 -1.37 8.26 3.60
CA ALA A 275 -2.24 9.41 3.76
C ALA A 275 -1.90 10.26 4.98
N VAL A 276 -0.75 10.06 5.59
CA VAL A 276 -0.13 11.04 6.49
C VAL A 276 1.22 11.33 5.87
N PRO A 277 1.85 12.49 6.10
CA PRO A 277 3.08 12.79 5.39
C PRO A 277 4.23 11.89 5.82
N TYR A 278 5.16 11.67 4.90
CA TYR A 278 6.24 10.73 5.14
C TYR A 278 7.23 11.27 6.15
N TYR A 279 8.06 10.38 6.65
CA TYR A 279 9.10 10.73 7.61
C TYR A 279 10.19 9.68 7.52
N GLY A 280 11.28 10.01 6.83
CA GLY A 280 12.39 9.10 6.72
C GLY A 280 12.13 7.95 5.77
N PRO A 281 13.11 7.06 5.61
CA PRO A 281 12.96 5.96 4.65
C PRO A 281 12.19 4.77 5.20
N GLY A 282 11.62 4.89 6.39
CA GLY A 282 10.83 3.83 6.98
C GLY A 282 9.39 3.86 6.53
N VAL A 283 8.50 3.41 7.41
CA VAL A 283 7.07 3.47 7.17
C VAL A 283 6.38 4.12 8.37
N ASP A 284 7.14 4.91 9.12
CA ASP A 284 6.62 5.49 10.35
C ASP A 284 6.13 6.90 10.10
N TYR A 285 5.75 7.59 11.16
CA TYR A 285 5.08 8.88 11.07
C TYR A 285 5.24 9.61 12.39
N LYS A 286 5.32 10.94 12.31
CA LYS A 286 5.45 11.73 13.52
C LYS A 286 4.43 12.87 13.57
N ASP A 287 4.19 13.52 12.44
CA ASP A 287 3.42 14.75 12.41
C ASP A 287 2.25 14.66 11.44
N ASN A 288 1.28 15.55 11.67
CA ASN A 288 0.07 15.72 10.86
C ASN A 288 -0.74 14.43 10.78
N LEU A 289 -1.18 13.98 11.96
CA LEU A 289 -1.92 12.73 12.09
C LEU A 289 -3.42 12.91 11.95
N ASN A 290 -3.86 13.97 11.29
CA ASN A 290 -5.28 14.33 11.20
C ASN A 290 -5.64 14.76 9.79
N PRO A 291 -5.77 13.80 8.86
CA PRO A 291 -5.91 14.18 7.44
C PRO A 291 -7.29 14.69 7.06
N LEU A 292 -8.37 14.12 7.61
CA LEU A 292 -9.70 14.47 7.16
C LEU A 292 -10.17 15.79 7.76
N SER A 293 -10.81 16.60 6.93
CA SER A 293 -11.19 17.96 7.29
C SER A 293 -12.52 17.96 8.02
N GLU A 294 -13.05 19.15 8.26
CA GLU A 294 -14.34 19.30 8.94
C GLU A 294 -15.47 19.34 7.93
N LYS A 295 -16.49 18.53 8.17
CA LYS A 295 -17.66 18.50 7.30
C LYS A 295 -18.82 17.93 8.10
N GLY A 296 -20.00 18.54 7.95
CA GLY A 296 -21.16 18.12 8.70
C GLY A 296 -21.67 16.76 8.27
N LEU A 297 -22.51 16.17 9.12
CA LEU A 297 -23.02 14.83 8.87
C LEU A 297 -24.11 14.84 7.80
N THR A 298 -25.13 15.67 7.97
CA THR A 298 -26.30 15.63 7.11
C THR A 298 -26.38 16.82 6.15
N THR A 299 -25.27 17.51 5.94
CA THR A 299 -25.23 18.64 5.02
C THR A 299 -24.73 18.17 3.66
N TYR A 300 -25.49 18.48 2.62
CA TYR A 300 -25.14 18.11 1.26
C TYR A 300 -23.90 18.85 0.79
N ARG B 12 -24.36 -28.78 3.76
CA ARG B 12 -24.06 -27.37 3.59
C ARG B 12 -23.25 -26.89 4.79
N VAL B 13 -23.52 -27.48 5.94
CA VAL B 13 -22.68 -27.28 7.12
C VAL B 13 -21.29 -27.83 6.84
N LEU B 14 -20.30 -26.95 6.88
CA LEU B 14 -18.95 -27.33 6.45
C LEU B 14 -18.32 -28.29 7.46
N GLN B 15 -18.01 -29.49 6.98
CA GLN B 15 -17.20 -30.44 7.74
C GLN B 15 -15.75 -30.30 7.28
N LEU B 16 -15.21 -29.13 7.60
CA LEU B 16 -13.92 -28.69 7.09
C LEU B 16 -12.81 -29.47 7.80
N THR B 17 -12.21 -30.43 7.10
CA THR B 17 -11.25 -31.33 7.71
C THR B 17 -9.94 -31.26 6.94
N ILE B 18 -8.86 -30.90 7.65
CA ILE B 18 -7.51 -30.90 7.10
C ILE B 18 -6.62 -31.63 8.09
N GLY B 19 -5.99 -32.70 7.64
CA GLY B 19 -5.16 -33.49 8.51
C GLY B 19 -5.96 -34.43 9.37
N ASN B 20 -5.82 -34.29 10.70
CA ASN B 20 -6.58 -35.07 11.66
C ASN B 20 -7.68 -34.26 12.33
N SER B 21 -7.47 -32.97 12.55
CA SER B 21 -8.47 -32.12 13.17
C SER B 21 -9.60 -31.82 12.20
N THR B 22 -10.73 -31.37 12.76
CA THR B 22 -11.94 -31.13 12.00
C THR B 22 -12.61 -29.87 12.51
N ILE B 23 -12.89 -28.94 11.61
CA ILE B 23 -13.60 -27.72 11.93
C ILE B 23 -15.01 -27.87 11.38
N THR B 24 -15.98 -28.17 12.25
CA THR B 24 -17.38 -28.12 11.85
C THR B 24 -17.90 -26.71 12.12
N THR B 25 -19.20 -26.50 11.95
CA THR B 25 -19.76 -25.17 12.15
C THR B 25 -21.23 -25.29 12.50
N GLN B 26 -21.79 -24.18 13.00
CA GLN B 26 -23.23 -24.02 13.14
C GLN B 26 -23.81 -23.22 11.98
N GLU B 27 -23.02 -22.32 11.40
CA GLU B 27 -23.35 -21.61 10.17
C GLU B 27 -22.16 -21.70 9.22
N ALA B 28 -22.44 -21.95 7.94
CA ALA B 28 -21.41 -22.02 6.90
C ALA B 28 -21.84 -21.13 5.74
N ALA B 29 -21.08 -20.06 5.50
CA ALA B 29 -21.46 -19.11 4.45
C ALA B 29 -20.47 -19.08 3.29
N ASN B 30 -19.21 -18.72 3.53
CA ASN B 30 -18.23 -18.56 2.46
C ASN B 30 -16.84 -18.85 3.01
N SER B 31 -15.86 -18.83 2.11
CA SER B 31 -14.47 -19.08 2.48
C SER B 31 -13.60 -18.35 1.46
N VAL B 32 -13.07 -17.19 1.86
CA VAL B 32 -12.33 -16.35 0.91
C VAL B 32 -10.98 -16.96 0.62
N VAL B 33 -10.74 -17.26 -0.64
CA VAL B 33 -9.41 -17.64 -1.13
C VAL B 33 -8.73 -16.36 -1.57
N ALA B 34 -7.62 -16.02 -0.94
CA ALA B 34 -6.97 -14.75 -1.19
C ALA B 34 -6.32 -14.73 -2.56
N TYR B 35 -6.67 -13.73 -3.36
CA TYR B 35 -6.20 -13.51 -4.72
C TYR B 35 -6.51 -14.67 -5.65
N GLY B 36 -7.55 -15.45 -5.35
CA GLY B 36 -8.05 -16.45 -6.26
C GLY B 36 -7.18 -17.65 -6.50
N ARG B 37 -6.09 -17.83 -5.75
CA ARG B 37 -5.19 -18.95 -5.99
C ARG B 37 -5.11 -19.85 -4.76
N TRP B 38 -5.51 -21.11 -4.95
CA TRP B 38 -5.33 -22.12 -3.92
C TRP B 38 -3.84 -22.43 -3.79
N PRO B 39 -3.34 -22.74 -2.60
CA PRO B 39 -1.90 -23.01 -2.46
C PRO B 39 -1.50 -24.36 -3.02
N GLU B 40 -0.27 -24.43 -3.51
CA GLU B 40 0.33 -25.68 -3.98
C GLU B 40 1.83 -25.59 -3.76
N PHE B 41 2.56 -26.61 -4.21
CA PHE B 41 4.01 -26.66 -4.09
C PHE B 41 4.66 -25.80 -5.18
N ILE B 42 5.97 -25.93 -5.34
CA ILE B 42 6.66 -25.25 -6.44
C ILE B 42 6.38 -26.01 -7.72
N ARG B 43 5.86 -25.30 -8.72
CA ARG B 43 5.48 -25.87 -10.02
C ARG B 43 6.45 -25.33 -11.06
N ASP B 44 7.59 -26.00 -11.21
CA ASP B 44 8.59 -25.64 -12.23
C ASP B 44 8.72 -26.81 -13.20
N ASP B 45 8.27 -26.60 -14.44
CA ASP B 45 8.41 -27.59 -15.49
C ASP B 45 9.82 -27.62 -16.09
N GLU B 46 10.61 -26.57 -15.86
CA GLU B 46 11.98 -26.50 -16.32
C GLU B 46 12.97 -26.87 -15.23
N ALA B 47 12.60 -27.82 -14.37
CA ALA B 47 13.44 -28.24 -13.26
C ALA B 47 14.31 -29.42 -13.70
N ASN B 48 15.62 -29.20 -13.70
CA ASN B 48 16.60 -30.26 -13.99
C ASN B 48 16.89 -31.13 -12.75
N PRO B 49 17.09 -30.63 -11.52
CA PRO B 49 17.21 -31.58 -10.39
C PRO B 49 15.87 -32.15 -9.98
N VAL B 50 15.81 -33.47 -9.86
CA VAL B 50 14.59 -34.18 -9.45
C VAL B 50 14.65 -34.66 -8.01
N ASP B 51 15.66 -34.25 -7.24
CA ASP B 51 15.74 -34.68 -5.85
C ASP B 51 14.68 -33.98 -5.00
N GLN B 52 14.26 -34.65 -3.93
CA GLN B 52 13.08 -34.23 -3.21
C GLN B 52 13.44 -33.59 -1.88
N PRO B 53 12.94 -32.37 -1.60
CA PRO B 53 13.19 -31.72 -0.30
C PRO B 53 12.50 -32.40 0.88
N THR B 54 12.57 -31.78 2.05
CA THR B 54 11.98 -32.32 3.28
C THR B 54 10.59 -31.71 3.44
N GLU B 55 9.55 -32.49 3.12
CA GLU B 55 8.19 -31.98 3.19
C GLU B 55 7.45 -32.64 4.35
N PRO B 56 7.13 -31.92 5.41
CA PRO B 56 6.18 -32.43 6.41
C PRO B 56 4.74 -32.28 5.93
N ASP B 57 4.35 -33.12 4.98
CA ASP B 57 3.05 -33.03 4.34
C ASP B 57 2.29 -34.36 4.37
N VAL B 58 2.75 -35.32 5.15
CA VAL B 58 2.11 -36.64 5.17
C VAL B 58 1.00 -36.70 6.22
N ALA B 59 1.17 -36.03 7.36
CA ALA B 59 0.10 -35.90 8.33
C ALA B 59 0.13 -34.57 9.08
N THR B 60 1.00 -33.64 8.73
CA THR B 60 1.25 -32.47 9.57
C THR B 60 0.67 -31.18 8.98
N CYS B 61 -0.53 -31.27 8.41
CA CYS B 61 -1.34 -30.09 8.13
C CYS B 61 -2.43 -30.07 9.18
N ARG B 62 -2.14 -29.45 10.32
CA ARG B 62 -3.05 -29.46 11.45
C ARG B 62 -3.48 -28.04 11.77
N PHE B 63 -4.57 -27.92 12.51
CA PHE B 63 -5.06 -26.64 12.98
C PHE B 63 -4.51 -26.36 14.38
N TYR B 64 -3.57 -25.43 14.46
CA TYR B 64 -3.07 -25.00 15.75
C TYR B 64 -3.89 -23.82 16.23
N THR B 65 -4.07 -23.71 17.54
CA THR B 65 -4.96 -22.73 18.12
C THR B 65 -4.17 -21.76 19.00
N LEU B 66 -4.30 -20.47 18.72
CA LEU B 66 -3.54 -19.46 19.44
C LEU B 66 -4.19 -19.15 20.78
N ASP B 67 -3.75 -18.06 21.39
CA ASP B 67 -4.35 -17.60 22.63
C ASP B 67 -5.74 -17.03 22.39
N THR B 68 -6.51 -16.97 23.46
CA THR B 68 -7.83 -16.39 23.45
C THR B 68 -7.78 -14.98 24.00
N VAL B 69 -8.18 -14.01 23.19
CA VAL B 69 -8.23 -12.61 23.61
C VAL B 69 -9.67 -12.26 23.93
N MET B 70 -9.85 -11.25 24.76
CA MET B 70 -11.16 -10.87 25.24
C MET B 70 -11.55 -9.51 24.67
N TRP B 71 -12.59 -9.48 23.86
CA TRP B 71 -13.05 -8.26 23.21
C TRP B 71 -14.06 -7.57 24.09
N GLY B 72 -13.58 -6.56 24.81
CA GLY B 72 -14.43 -5.80 25.70
C GLY B 72 -15.20 -4.72 24.98
N LYS B 73 -15.61 -3.72 25.73
CA LYS B 73 -16.32 -2.60 25.14
C LYS B 73 -15.39 -1.50 24.67
N GLU B 74 -14.22 -1.35 25.29
CA GLU B 74 -13.29 -0.30 24.93
C GLU B 74 -11.96 -0.87 24.43
N SER B 75 -11.98 -2.09 23.90
CA SER B 75 -10.77 -2.66 23.32
C SER B 75 -10.61 -2.19 21.88
N LYS B 76 -9.36 -2.07 21.46
CA LYS B 76 -9.05 -1.34 20.24
C LYS B 76 -8.66 -2.23 19.07
N GLY B 77 -7.88 -3.28 19.28
CA GLY B 77 -7.54 -4.15 18.19
C GLY B 77 -6.48 -5.14 18.60
N TRP B 78 -6.18 -6.05 17.67
CA TRP B 78 -5.14 -7.04 17.88
C TRP B 78 -4.41 -7.23 16.56
N TRP B 79 -3.17 -7.71 16.65
CA TRP B 79 -2.43 -8.00 15.44
C TRP B 79 -1.44 -9.12 15.70
N TRP B 80 -1.24 -9.98 14.70
CA TRP B 80 -0.26 -11.04 14.75
C TRP B 80 0.60 -10.98 13.50
N LYS B 81 1.59 -11.87 13.43
CA LYS B 81 2.39 -12.05 12.24
C LYS B 81 2.43 -13.53 11.92
N LEU B 82 2.81 -13.86 10.68
CA LEU B 82 2.95 -15.25 10.27
C LEU B 82 4.20 -15.39 9.41
N PRO B 83 5.01 -16.44 9.63
CA PRO B 83 4.92 -17.53 10.59
C PRO B 83 5.55 -17.23 11.94
N ASP B 84 5.40 -16.01 12.42
CA ASP B 84 5.89 -15.66 13.74
C ASP B 84 5.05 -16.30 14.83
N ALA B 85 3.75 -16.44 14.61
CA ALA B 85 2.87 -16.90 15.67
C ALA B 85 3.00 -18.40 15.92
N LEU B 86 3.59 -19.15 14.99
CA LEU B 86 3.64 -20.60 15.09
C LEU B 86 4.96 -21.11 15.63
N ARG B 87 5.84 -20.24 16.11
CA ARG B 87 7.13 -20.71 16.58
C ARG B 87 7.08 -21.27 17.99
N ASP B 88 5.95 -21.20 18.67
CA ASP B 88 5.90 -21.70 20.03
C ASP B 88 5.55 -23.18 20.06
N MET B 89 4.54 -23.59 19.31
CA MET B 89 3.98 -24.92 19.42
C MET B 89 4.07 -25.68 18.11
N GLY B 90 3.77 -26.96 18.20
CA GLY B 90 3.74 -27.84 17.06
C GLY B 90 5.11 -28.36 16.69
N LEU B 91 5.10 -29.38 15.85
CA LEU B 91 6.33 -29.83 15.23
C LEU B 91 6.70 -28.94 14.05
N PHE B 92 5.77 -28.11 13.59
CA PHE B 92 6.10 -27.06 12.62
C PHE B 92 7.08 -26.06 13.21
N GLY B 93 6.99 -25.81 14.52
CA GLY B 93 7.92 -24.90 15.16
C GLY B 93 9.32 -25.43 15.28
N GLN B 94 9.51 -26.73 15.10
CA GLN B 94 10.84 -27.30 15.15
C GLN B 94 11.45 -27.39 13.76
N ASN B 95 10.65 -27.67 12.73
CA ASN B 95 11.17 -27.73 11.38
C ASN B 95 11.59 -26.36 10.88
N MET B 96 10.95 -25.32 11.41
CA MET B 96 11.24 -23.96 10.98
C MET B 96 12.60 -23.49 11.47
N TYR B 97 13.15 -24.14 12.50
CA TYR B 97 14.45 -23.77 13.04
C TYR B 97 15.60 -24.56 12.44
N TYR B 98 15.41 -25.85 12.18
CA TYR B 98 16.49 -26.63 11.60
C TYR B 98 16.70 -26.36 10.12
N HIS B 99 15.70 -25.87 9.41
CA HIS B 99 15.80 -25.72 7.97
C HIS B 99 16.08 -24.28 7.60
N TYR B 100 16.93 -24.08 6.59
CA TYR B 100 17.37 -22.75 6.25
C TYR B 100 16.27 -21.94 5.57
N LEU B 101 15.40 -22.60 4.81
CA LEU B 101 14.43 -21.85 4.03
C LEU B 101 13.26 -22.74 3.71
N GLY B 102 12.07 -22.15 3.67
CA GLY B 102 10.87 -22.92 3.39
C GLY B 102 9.70 -22.00 3.13
N ARG B 103 8.64 -22.58 2.56
CA ARG B 103 7.44 -21.84 2.21
C ARG B 103 6.22 -22.56 2.77
N SER B 104 5.11 -21.83 2.87
CA SER B 104 3.89 -22.39 3.44
C SER B 104 2.69 -21.62 2.93
N GLY B 105 1.52 -22.20 3.19
CA GLY B 105 0.26 -21.49 2.99
C GLY B 105 -0.64 -21.77 4.16
N TYR B 106 -1.55 -20.83 4.43
CA TYR B 106 -2.25 -20.77 5.70
C TYR B 106 -3.74 -20.78 5.47
N THR B 107 -4.50 -21.15 6.52
CA THR B 107 -5.95 -20.93 6.56
C THR B 107 -6.27 -20.34 7.92
N VAL B 108 -6.33 -19.02 8.00
CA VAL B 108 -6.67 -18.38 9.26
C VAL B 108 -8.16 -18.50 9.49
N HIS B 109 -8.54 -19.17 10.58
CA HIS B 109 -9.95 -19.37 10.92
C HIS B 109 -10.22 -18.68 12.24
N VAL B 110 -11.07 -17.67 12.23
CA VAL B 110 -11.37 -16.88 13.42
C VAL B 110 -12.82 -17.08 13.79
N GLN B 111 -13.06 -17.71 14.93
CA GLN B 111 -14.40 -17.87 15.46
C GLN B 111 -14.61 -16.94 16.64
N CYS B 112 -15.83 -16.40 16.74
CA CYS B 112 -16.16 -15.43 17.77
C CYS B 112 -17.67 -15.49 17.99
N ASN B 113 -18.09 -16.23 19.00
CA ASN B 113 -19.52 -16.44 19.16
C ASN B 113 -20.15 -15.35 20.03
N ALA B 114 -21.45 -15.16 19.83
CA ALA B 114 -22.21 -14.22 20.63
C ALA B 114 -23.67 -14.63 20.53
N SER B 115 -24.49 -14.06 21.40
CA SER B 115 -25.90 -14.40 21.44
C SER B 115 -26.65 -13.59 20.39
N LYS B 116 -27.97 -13.59 20.47
CA LYS B 116 -28.77 -12.80 19.56
C LYS B 116 -28.95 -11.37 20.02
N PHE B 117 -28.58 -11.05 21.26
CA PHE B 117 -28.77 -9.71 21.78
C PHE B 117 -27.52 -8.86 21.74
N HIS B 118 -26.36 -9.47 21.52
CA HIS B 118 -25.14 -8.70 21.30
C HIS B 118 -25.16 -8.08 19.92
N GLN B 119 -24.31 -7.09 19.72
CA GLN B 119 -24.12 -6.51 18.40
C GLN B 119 -22.64 -6.22 18.22
N GLY B 120 -22.30 -5.57 17.11
CA GLY B 120 -20.91 -5.30 16.79
C GLY B 120 -20.45 -6.14 15.61
N ALA B 121 -19.29 -5.75 15.09
CA ALA B 121 -18.76 -6.43 13.91
C ALA B 121 -17.26 -6.27 13.88
N LEU B 122 -16.54 -7.39 13.81
CA LEU B 122 -15.10 -7.34 13.62
C LEU B 122 -14.76 -7.21 12.15
N GLY B 123 -13.48 -7.04 11.87
CA GLY B 123 -13.00 -7.11 10.51
C GLY B 123 -11.66 -7.80 10.48
N VAL B 124 -11.56 -8.90 9.75
CA VAL B 124 -10.38 -9.75 9.76
C VAL B 124 -9.63 -9.50 8.46
N PHE B 125 -8.42 -8.95 8.57
CA PHE B 125 -7.63 -8.64 7.39
C PHE B 125 -6.47 -9.61 7.30
N ALA B 126 -5.79 -9.60 6.16
CA ALA B 126 -4.56 -10.37 6.01
C ALA B 126 -3.64 -9.55 5.12
N ILE B 127 -2.83 -8.71 5.73
CA ILE B 127 -1.96 -7.77 5.00
C ILE B 127 -0.68 -8.50 4.65
N PRO B 128 -0.32 -8.61 3.37
CA PRO B 128 1.02 -9.10 3.03
C PRO B 128 2.05 -8.02 3.28
N GLU B 129 3.18 -8.43 3.85
CA GLU B 129 4.32 -7.57 4.16
C GLU B 129 3.90 -6.41 5.06
N TYR B 130 3.51 -6.76 6.28
CA TYR B 130 2.82 -5.83 7.17
C TYR B 130 3.85 -5.11 8.02
N CYS B 131 4.38 -4.01 7.49
CA CYS B 131 5.40 -3.24 8.19
C CYS B 131 4.73 -2.23 9.11
N LEU B 132 4.92 -2.41 10.41
CA LEU B 132 4.36 -1.48 11.38
C LEU B 132 5.32 -0.32 11.61
N ALA B 133 4.93 0.60 12.48
CA ALA B 133 5.65 1.84 12.69
C ALA B 133 6.19 1.89 14.12
N GLY B 134 7.43 2.35 14.24
CA GLY B 134 8.02 2.54 15.54
C GLY B 134 7.52 3.80 16.21
N ASP B 135 7.99 4.02 17.43
CA ASP B 135 7.54 5.16 18.23
C ASP B 135 8.61 6.22 18.41
N SER B 136 9.86 5.83 18.66
CA SER B 136 10.89 6.81 18.91
C SER B 136 11.29 7.50 17.60
N ASP B 137 11.91 8.67 17.74
CA ASP B 137 12.26 9.45 16.55
C ASP B 137 13.46 8.88 15.82
N LYS B 138 14.20 7.97 16.45
CA LYS B 138 15.18 7.16 15.74
C LYS B 138 14.44 6.27 14.73
N GLN B 139 14.80 6.41 13.46
CA GLN B 139 14.03 5.80 12.38
C GLN B 139 14.44 4.34 12.21
N ARG B 140 13.42 3.48 12.07
CA ARG B 140 13.58 2.03 11.89
C ARG B 140 14.38 1.40 13.02
N TYR B 141 14.06 1.79 14.26
CA TYR B 141 14.88 1.50 15.42
C TYR B 141 14.04 0.63 16.36
N THR B 142 14.04 -0.67 16.09
CA THR B 142 13.17 -1.61 16.79
C THR B 142 13.93 -2.89 17.04
N SER B 143 13.90 -3.37 18.28
CA SER B 143 14.62 -4.58 18.63
C SER B 143 13.91 -5.81 18.06
N TYR B 144 14.58 -6.96 18.16
CA TYR B 144 14.00 -8.19 17.61
C TYR B 144 12.88 -8.71 18.49
N ALA B 145 13.10 -8.76 19.80
CA ALA B 145 12.15 -9.39 20.71
C ALA B 145 10.86 -8.58 20.81
N ASN B 146 10.95 -7.27 20.63
CA ASN B 146 9.76 -6.44 20.65
C ASN B 146 9.04 -6.41 19.32
N ALA B 147 9.73 -6.76 18.23
CA ALA B 147 9.11 -6.81 16.92
C ALA B 147 8.56 -8.18 16.59
N ASN B 148 8.79 -9.18 17.42
CA ASN B 148 8.19 -10.51 17.26
C ASN B 148 7.63 -10.95 18.60
N PRO B 149 6.43 -10.50 18.96
CA PRO B 149 5.86 -10.88 20.26
C PRO B 149 5.36 -12.31 20.31
N GLY B 150 5.18 -12.96 19.17
CA GLY B 150 4.81 -14.35 19.17
C GLY B 150 3.32 -14.57 19.10
N GLU B 151 2.82 -15.63 19.72
CA GLU B 151 1.40 -15.93 19.63
C GLU B 151 0.57 -15.04 20.55
N LYS B 152 1.20 -14.32 21.47
CA LYS B 152 0.44 -13.44 22.35
C LYS B 152 -0.01 -12.17 21.65
N GLY B 153 0.54 -11.87 20.47
CA GLY B 153 0.11 -10.75 19.67
C GLY B 153 0.45 -9.40 20.27
N GLY B 154 -0.09 -8.38 19.61
CA GLY B 154 0.05 -7.02 20.11
C GLY B 154 -1.28 -6.31 19.97
N LYS B 155 -1.38 -5.18 20.65
CA LYS B 155 -2.61 -4.42 20.68
C LYS B 155 -2.40 -3.04 20.09
N PHE B 156 -3.46 -2.49 19.50
CA PHE B 156 -3.42 -1.17 18.93
C PHE B 156 -3.64 -0.11 20.00
N TYR B 157 -3.60 1.14 19.61
CA TYR B 157 -3.73 2.24 20.56
C TYR B 157 -4.62 3.32 19.97
N SER B 158 -4.96 4.29 20.81
CA SER B 158 -5.83 5.38 20.39
C SER B 158 -5.03 6.51 19.76
N GLN B 159 -4.09 7.07 20.51
CA GLN B 159 -3.29 8.18 20.03
C GLN B 159 -1.83 7.77 19.96
N PHE B 160 -1.08 8.49 19.14
CA PHE B 160 0.35 8.28 18.99
C PHE B 160 1.08 8.91 20.16
N ASN B 161 1.59 8.10 21.07
CA ASN B 161 2.42 8.59 22.16
C ASN B 161 3.83 8.06 22.02
N ARG B 162 4.72 8.88 21.49
CA ARG B 162 6.11 8.52 21.29
C ARG B 162 6.83 8.46 22.62
N ASP B 163 7.93 7.72 22.65
CA ASP B 163 8.66 7.53 23.89
C ASP B 163 9.70 8.64 24.07
N THR B 164 9.92 9.03 25.33
CA THR B 164 10.88 10.06 25.67
C THR B 164 12.09 9.53 26.43
N ALA B 165 12.07 8.29 26.89
CA ALA B 165 13.20 7.72 27.64
C ALA B 165 14.34 7.43 26.67
N VAL B 166 15.43 8.19 26.80
CA VAL B 166 16.50 8.11 25.80
C VAL B 166 17.64 7.21 26.25
N THR B 167 17.91 7.11 27.56
CA THR B 167 18.96 6.20 28.01
C THR B 167 18.49 4.75 27.93
N SER B 168 17.22 4.50 28.27
CA SER B 168 16.57 3.22 28.02
C SER B 168 15.45 3.42 27.00
N PRO B 169 15.76 3.38 25.71
CA PRO B 169 14.70 3.44 24.71
C PRO B 169 13.91 2.14 24.72
N LYS B 170 12.60 2.24 24.49
CA LYS B 170 11.76 1.05 24.54
C LYS B 170 12.02 0.15 23.35
N ARG B 171 12.26 0.73 22.18
CA ARG B 171 12.53 0.05 20.92
C ARG B 171 11.42 -0.93 20.57
N GLU B 172 10.20 -0.41 20.57
CA GLU B 172 9.05 -1.26 20.28
C GLU B 172 8.02 -0.43 19.53
N PHE B 173 7.04 -1.13 18.97
CA PHE B 173 6.08 -0.47 18.10
C PHE B 173 5.11 0.38 18.90
N CYS B 174 4.46 1.31 18.20
CA CYS B 174 3.26 1.97 18.70
C CYS B 174 2.33 2.24 17.53
N PRO B 175 1.57 1.24 17.10
CA PRO B 175 0.62 1.47 16.00
C PRO B 175 -0.63 2.17 16.49
N VAL B 176 -1.25 2.89 15.57
CA VAL B 176 -2.50 3.61 15.79
C VAL B 176 -3.56 2.93 14.94
N ASP B 177 -4.77 2.77 15.51
CA ASP B 177 -5.74 1.87 14.91
C ASP B 177 -6.32 2.41 13.61
N TYR B 178 -6.71 3.68 13.58
CA TYR B 178 -7.31 4.20 12.37
C TYR B 178 -6.27 4.56 11.33
N LEU B 179 -5.00 4.67 11.73
CA LEU B 179 -3.91 4.66 10.77
C LEU B 179 -3.46 3.26 10.41
N LEU B 180 -3.96 2.24 11.11
CA LEU B 180 -3.66 0.82 10.93
C LEU B 180 -2.20 0.49 11.22
N GLY B 181 -1.44 1.42 11.78
CA GLY B 181 -0.03 1.26 12.02
C GLY B 181 0.84 1.67 10.87
N CYS B 182 0.47 1.29 9.65
CA CYS B 182 1.32 1.55 8.50
C CYS B 182 1.31 3.02 8.11
N GLY B 183 0.13 3.63 8.02
CA GLY B 183 0.04 5.00 7.59
C GLY B 183 -1.15 5.23 6.68
N VAL B 184 -1.83 4.16 6.31
CA VAL B 184 -3.00 4.25 5.45
C VAL B 184 -4.21 4.60 6.29
N LEU B 185 -5.31 4.98 5.65
CA LEU B 185 -6.56 5.05 6.39
C LEU B 185 -7.16 3.66 6.53
N LEU B 186 -8.20 3.57 7.36
CA LEU B 186 -8.84 2.29 7.58
C LEU B 186 -9.90 1.98 6.53
N GLY B 187 -10.59 3.01 6.03
CA GLY B 187 -11.55 2.81 4.97
C GLY B 187 -10.92 2.40 3.65
N ASN B 188 -9.63 2.66 3.48
CA ASN B 188 -8.92 2.21 2.31
C ASN B 188 -8.36 0.80 2.47
N ALA B 189 -8.52 0.21 3.65
CA ALA B 189 -7.88 -1.06 3.94
C ALA B 189 -8.71 -2.25 3.55
N PHE B 190 -9.69 -2.09 2.66
CA PHE B 190 -10.44 -3.25 2.20
C PHE B 190 -9.93 -3.79 0.88
N VAL B 191 -8.82 -3.27 0.36
CA VAL B 191 -8.23 -3.86 -0.83
C VAL B 191 -7.39 -5.08 -0.50
N TYR B 192 -7.15 -5.32 0.77
CA TYR B 192 -6.58 -6.58 1.22
C TYR B 192 -7.65 -7.65 1.20
N PRO B 193 -7.28 -8.92 1.10
CA PRO B 193 -8.29 -9.98 1.24
C PRO B 193 -8.81 -10.04 2.66
N HIS B 194 -10.11 -9.84 2.81
CA HIS B 194 -10.70 -9.59 4.11
C HIS B 194 -11.96 -10.40 4.34
N GLN B 195 -12.58 -10.19 5.49
CA GLN B 195 -13.80 -10.88 5.91
C GLN B 195 -14.34 -10.09 7.08
N ILE B 196 -15.66 -10.06 7.23
CA ILE B 196 -16.30 -9.29 8.29
C ILE B 196 -17.13 -10.23 9.15
N ILE B 197 -16.80 -10.33 10.42
CA ILE B 197 -17.56 -11.17 11.35
C ILE B 197 -18.67 -10.28 11.89
N ASN B 198 -19.77 -10.22 11.16
CA ASN B 198 -20.94 -9.47 11.59
C ASN B 198 -21.71 -10.37 12.55
N LEU B 199 -21.81 -9.98 13.82
CA LEU B 199 -22.43 -10.81 14.85
C LEU B 199 -23.94 -10.93 14.70
N ARG B 200 -24.51 -10.21 13.75
CA ARG B 200 -25.92 -10.37 13.43
C ARG B 200 -26.14 -11.68 12.68
N THR B 201 -25.31 -11.98 11.68
CA THR B 201 -25.56 -13.10 10.78
C THR B 201 -24.64 -14.29 11.00
N ASN B 202 -23.32 -14.10 10.97
CA ASN B 202 -22.39 -15.21 11.05
C ASN B 202 -21.48 -15.06 12.27
N ASN B 203 -20.75 -16.14 12.57
CA ASN B 203 -19.84 -16.13 13.71
C ASN B 203 -18.53 -16.84 13.39
N SER B 204 -18.09 -16.80 12.14
CA SER B 204 -16.87 -17.48 11.74
C SER B 204 -16.29 -16.74 10.54
N ALA B 205 -15.02 -16.99 10.29
CA ALA B 205 -14.30 -16.29 9.23
C ALA B 205 -13.08 -17.10 8.85
N THR B 206 -13.08 -17.68 7.67
CA THR B 206 -11.95 -18.47 7.21
C THR B 206 -11.38 -17.86 5.95
N ILE B 207 -10.05 -17.71 5.92
CA ILE B 207 -9.34 -17.05 4.84
C ILE B 207 -8.18 -17.94 4.46
N VAL B 208 -8.16 -18.40 3.22
CA VAL B 208 -7.04 -19.21 2.73
C VAL B 208 -5.99 -18.28 2.15
N LEU B 209 -4.76 -18.40 2.61
CA LEU B 209 -3.69 -17.49 2.24
C LEU B 209 -2.65 -18.21 1.39
N PRO B 210 -2.41 -17.80 0.17
CA PRO B 210 -1.35 -18.43 -0.61
C PRO B 210 0.01 -17.92 -0.20
N TYR B 211 1.08 -18.44 -0.80
CA TYR B 211 2.42 -17.97 -0.50
C TYR B 211 2.71 -16.78 -1.40
N VAL B 212 2.70 -15.58 -0.83
CA VAL B 212 3.02 -14.37 -1.55
C VAL B 212 4.36 -13.86 -1.05
N ASN B 213 5.36 -13.91 -1.92
CA ASN B 213 6.69 -13.40 -1.64
C ASN B 213 7.38 -13.25 -2.98
N ALA B 214 8.41 -12.41 -3.01
CA ALA B 214 9.11 -12.13 -4.26
C ALA B 214 9.93 -13.31 -4.70
N MET B 215 10.61 -13.97 -3.77
CA MET B 215 11.40 -15.14 -4.12
C MET B 215 10.50 -16.35 -4.32
N ALA B 216 11.10 -17.42 -4.83
CA ALA B 216 10.37 -18.67 -4.91
C ALA B 216 10.28 -19.37 -3.56
N ILE B 217 11.27 -19.16 -2.70
CA ILE B 217 11.32 -19.75 -1.38
C ILE B 217 12.28 -18.90 -0.54
N ASP B 218 11.90 -18.64 0.70
CA ASP B 218 12.62 -17.65 1.48
C ASP B 218 12.63 -18.08 2.94
N SER B 219 13.53 -17.48 3.72
CA SER B 219 13.70 -17.87 5.11
C SER B 219 12.48 -17.50 5.94
N MET B 220 12.35 -18.17 7.09
CA MET B 220 11.22 -17.97 7.97
C MET B 220 11.57 -17.40 9.34
N VAL B 221 12.83 -17.46 9.74
CA VAL B 221 13.20 -16.91 11.04
C VAL B 221 13.22 -15.39 10.98
N LYS B 222 13.76 -14.82 9.91
CA LYS B 222 13.88 -13.38 9.81
C LYS B 222 12.71 -12.71 9.10
N HIS B 223 12.12 -13.33 8.10
CA HIS B 223 11.08 -12.71 7.31
C HIS B 223 9.71 -13.17 7.81
N ASN B 224 8.72 -12.29 7.69
CA ASN B 224 7.34 -12.60 8.07
C ASN B 224 6.43 -12.14 6.95
N ASN B 225 5.78 -13.09 6.28
CA ASN B 225 5.06 -12.77 5.05
C ASN B 225 3.77 -12.03 5.35
N TRP B 226 2.84 -12.69 6.02
CA TRP B 226 1.49 -12.17 6.20
C TRP B 226 1.34 -11.54 7.56
N GLY B 227 0.42 -10.60 7.65
CA GLY B 227 0.11 -10.00 8.92
C GLY B 227 -1.39 -9.95 9.10
N ILE B 228 -1.88 -10.46 10.22
CA ILE B 228 -3.30 -10.51 10.50
C ILE B 228 -3.63 -9.34 11.40
N ALA B 229 -4.73 -8.66 11.12
CA ALA B 229 -5.16 -7.56 11.96
C ALA B 229 -6.66 -7.64 12.15
N ILE B 230 -7.11 -7.65 13.39
CA ILE B 230 -8.52 -7.72 13.74
C ILE B 230 -8.93 -6.37 14.28
N LEU B 231 -9.83 -5.70 13.58
CA LEU B 231 -10.30 -4.39 14.01
C LEU B 231 -11.77 -4.46 14.34
N PRO B 232 -12.21 -4.09 15.51
CA PRO B 232 -13.64 -3.94 15.75
C PRO B 232 -14.17 -2.71 15.03
N LEU B 233 -14.90 -2.94 13.93
CA LEU B 233 -15.38 -1.83 13.13
C LEU B 233 -16.53 -1.12 13.80
N SER B 234 -17.32 -1.84 14.58
CA SER B 234 -18.40 -1.29 15.38
C SER B 234 -18.23 -1.80 16.80
N PRO B 235 -18.45 -0.94 17.80
CA PRO B 235 -18.17 -1.37 19.18
C PRO B 235 -19.23 -2.33 19.68
N LEU B 236 -18.81 -3.25 20.53
CA LEU B 236 -19.72 -4.25 21.06
C LEU B 236 -20.66 -3.61 22.05
N ASP B 237 -21.86 -4.19 22.15
CA ASP B 237 -22.85 -3.67 23.08
C ASP B 237 -23.78 -4.82 23.45
N PHE B 238 -23.91 -5.08 24.74
CA PHE B 238 -24.93 -6.00 25.24
C PHE B 238 -26.18 -5.15 25.54
N ALA B 239 -27.13 -5.66 26.31
CA ALA B 239 -28.46 -5.07 26.50
C ALA B 239 -28.42 -3.64 27.02
N GLN B 240 -28.01 -3.44 28.27
CA GLN B 240 -27.89 -2.10 28.80
C GLN B 240 -26.63 -1.90 29.65
N GLU B 241 -25.81 -2.92 29.82
CA GLU B 241 -24.69 -2.87 30.74
C GLU B 241 -23.52 -2.09 30.15
N SER B 242 -22.51 -1.87 30.99
CA SER B 242 -21.28 -1.22 30.58
C SER B 242 -20.06 -2.10 30.74
N SER B 243 -20.23 -3.35 31.14
CA SER B 243 -19.13 -4.30 31.24
C SER B 243 -19.54 -5.60 30.55
N VAL B 244 -18.89 -5.91 29.44
CA VAL B 244 -19.24 -7.08 28.66
C VAL B 244 -18.02 -7.56 27.88
N GLU B 245 -17.74 -8.86 27.97
CA GLU B 245 -16.51 -9.45 27.46
C GLU B 245 -16.88 -10.73 26.73
N ILE B 246 -16.60 -10.81 25.44
CA ILE B 246 -16.77 -12.08 24.74
C ILE B 246 -15.40 -12.50 24.22
N PRO B 247 -15.12 -13.78 24.05
CA PRO B 247 -13.79 -14.20 23.63
C PRO B 247 -13.67 -14.37 22.12
N ILE B 248 -12.44 -14.19 21.66
CA ILE B 248 -12.07 -14.38 20.26
C ILE B 248 -10.95 -15.41 20.23
N THR B 249 -11.05 -16.39 19.33
CA THR B 249 -10.03 -17.43 19.25
C THR B 249 -9.64 -17.61 17.80
N VAL B 250 -8.34 -17.62 17.54
CA VAL B 250 -7.80 -17.69 16.19
C VAL B 250 -7.20 -19.07 15.98
N THR B 251 -7.30 -19.57 14.75
CA THR B 251 -6.83 -20.93 14.45
C THR B 251 -6.16 -20.94 13.10
N ILE B 252 -4.91 -21.40 13.04
CA ILE B 252 -4.10 -21.35 11.83
C ILE B 252 -3.68 -22.76 11.44
N ALA B 253 -3.80 -23.08 10.16
CA ALA B 253 -3.35 -24.37 9.65
C ALA B 253 -2.33 -24.17 8.54
N PRO B 254 -1.11 -24.63 8.72
CA PRO B 254 -0.12 -24.54 7.65
C PRO B 254 -0.38 -25.56 6.54
N MET B 255 -0.78 -25.11 5.36
CA MET B 255 -1.05 -26.01 4.26
C MET B 255 0.11 -26.00 3.28
N CYS B 256 0.46 -27.20 2.80
CA CYS B 256 1.39 -27.42 1.70
C CYS B 256 2.77 -26.84 1.98
N SER B 257 3.26 -27.09 3.19
CA SER B 257 4.57 -26.59 3.57
C SER B 257 5.67 -27.48 2.99
N GLU B 258 6.83 -26.88 2.79
CA GLU B 258 8.02 -27.63 2.42
C GLU B 258 9.23 -26.88 2.93
N PHE B 259 10.32 -27.60 3.15
CA PHE B 259 11.52 -27.02 3.73
C PHE B 259 12.73 -27.55 2.99
N ASN B 260 13.89 -26.98 3.30
CA ASN B 260 15.09 -27.29 2.55
C ASN B 260 16.31 -26.87 3.36
N GLY B 261 17.39 -27.62 3.21
CA GLY B 261 18.67 -27.18 3.75
C GLY B 261 18.82 -27.21 5.25
N LEU B 262 19.00 -28.40 5.82
CA LEU B 262 19.21 -28.54 7.26
C LEU B 262 20.51 -27.89 7.71
N ARG B 263 20.54 -27.51 8.97
CA ARG B 263 21.72 -26.95 9.63
C ARG B 263 21.54 -27.21 11.13
N ASN B 264 22.44 -26.68 11.95
CA ASN B 264 22.24 -26.77 13.38
C ASN B 264 21.11 -25.84 13.83
N VAL B 265 20.58 -26.11 15.02
CA VAL B 265 19.41 -25.39 15.49
C VAL B 265 19.80 -23.96 15.86
N THR B 266 18.88 -23.03 15.66
CA THR B 266 19.11 -21.63 16.01
C THR B 266 18.06 -21.18 17.00
N ALA B 267 18.52 -20.73 18.17
CA ALA B 267 17.63 -20.20 19.20
C ALA B 267 17.91 -18.71 19.33
N PRO B 268 17.09 -17.84 18.74
CA PRO B 268 17.28 -16.41 18.94
C PRO B 268 16.82 -16.00 20.32
N LYS B 269 17.39 -14.92 20.83
CA LYS B 269 17.02 -14.45 22.15
C LYS B 269 15.74 -13.63 22.07
N PHE B 270 14.88 -13.79 23.07
CA PHE B 270 13.62 -13.06 23.15
C PHE B 270 13.49 -12.33 24.47
N GLN B 271 14.62 -11.91 25.04
CA GLN B 271 14.79 -11.33 26.38
C GLN B 271 13.93 -11.91 27.51
N GLY C 1 26.42 12.67 -46.88
CA GLY C 1 25.86 11.36 -46.66
C GLY C 1 24.38 11.29 -46.99
N LEU C 2 23.58 11.97 -46.20
CA LEU C 2 22.14 12.00 -46.41
C LEU C 2 21.61 13.38 -46.03
N PRO C 3 20.94 14.07 -46.93
CA PRO C 3 20.48 15.43 -46.62
C PRO C 3 19.27 15.49 -45.69
N VAL C 4 19.52 15.49 -44.40
CA VAL C 4 18.45 15.64 -43.42
C VAL C 4 18.20 17.12 -43.18
N LEU C 5 17.08 17.40 -42.52
CA LEU C 5 16.66 18.77 -42.21
C LEU C 5 16.01 18.72 -40.85
N ASN C 6 16.54 19.49 -39.90
CA ASN C 6 15.96 19.51 -38.56
C ASN C 6 14.62 20.24 -38.56
N THR C 7 13.67 19.70 -37.81
CA THR C 7 12.38 20.31 -37.62
C THR C 7 12.35 20.96 -36.24
N PRO C 8 11.41 21.87 -35.98
CA PRO C 8 11.24 22.35 -34.61
C PRO C 8 10.77 21.25 -33.69
N GLY C 9 11.08 21.42 -32.41
CA GLY C 9 10.85 20.36 -31.44
C GLY C 9 12.03 19.45 -31.28
N SER C 10 13.21 19.88 -31.69
CA SER C 10 14.43 19.11 -31.52
C SER C 10 15.20 19.66 -30.33
N ASN C 11 16.02 18.81 -29.72
CA ASN C 11 16.82 19.04 -28.53
C ASN C 11 16.02 19.35 -27.28
N GLN C 12 14.69 19.22 -27.31
CA GLN C 12 13.93 19.40 -26.10
C GLN C 12 13.84 18.08 -25.34
N TYR C 13 13.41 18.17 -24.09
CA TYR C 13 13.12 16.98 -23.30
C TYR C 13 11.67 17.07 -22.89
N LEU C 14 10.80 16.45 -23.66
CA LEU C 14 9.43 16.28 -23.25
C LEU C 14 9.37 15.11 -22.30
N THR C 15 8.58 15.22 -21.23
CA THR C 15 8.57 14.17 -20.23
C THR C 15 7.78 12.96 -20.69
N SER C 16 6.65 13.17 -21.37
CA SER C 16 5.82 12.08 -21.87
C SER C 16 6.26 11.76 -23.30
N ASP C 17 7.21 10.85 -23.42
CA ASP C 17 7.69 10.43 -24.73
C ASP C 17 8.11 8.96 -24.68
N ASN C 18 8.16 8.34 -25.85
CA ASN C 18 8.45 6.92 -25.96
C ASN C 18 9.62 6.64 -26.90
N TYR C 19 10.70 7.40 -26.75
CA TYR C 19 11.78 7.24 -27.68
C TYR C 19 12.64 6.03 -27.32
N GLN C 20 13.38 5.55 -28.31
CA GLN C 20 14.45 4.60 -28.06
C GLN C 20 15.54 5.27 -27.24
N SER C 21 16.28 4.47 -26.49
CA SER C 21 17.29 5.05 -25.62
C SER C 21 18.39 4.05 -25.39
N PRO C 22 19.66 4.46 -25.42
CA PRO C 22 20.76 3.49 -25.37
C PRO C 22 20.91 2.87 -23.98
N CYS C 23 21.10 1.56 -23.95
CA CYS C 23 21.27 0.89 -22.67
C CYS C 23 22.66 1.16 -22.11
N ALA C 24 22.74 1.18 -20.79
CA ALA C 24 24.02 1.43 -20.15
C ALA C 24 24.78 0.15 -19.85
N ILE C 25 24.07 -0.91 -19.50
CA ILE C 25 24.70 -2.17 -19.14
C ILE C 25 24.28 -3.20 -20.18
N PRO C 26 25.01 -3.36 -21.27
CA PRO C 26 24.60 -4.30 -22.31
C PRO C 26 24.97 -5.71 -21.93
N GLU C 27 24.34 -6.67 -22.63
CA GLU C 27 24.50 -8.11 -22.44
C GLU C 27 24.21 -8.52 -21.00
N PHE C 28 22.95 -8.34 -20.60
CA PHE C 28 22.56 -8.50 -19.21
C PHE C 28 21.59 -9.67 -19.11
N ASP C 29 21.82 -10.55 -18.14
CA ASP C 29 21.04 -11.78 -17.99
C ASP C 29 19.96 -11.50 -16.96
N VAL C 30 18.75 -11.22 -17.44
CA VAL C 30 17.66 -10.76 -16.58
C VAL C 30 17.06 -11.95 -15.81
N THR C 31 16.79 -11.73 -14.53
CA THR C 31 16.15 -12.73 -13.70
C THR C 31 14.74 -13.03 -14.20
N PRO C 32 14.39 -14.29 -14.46
CA PRO C 32 13.10 -14.58 -15.08
C PRO C 32 11.97 -14.46 -14.07
N PRO C 33 10.79 -14.04 -14.51
CA PRO C 33 9.68 -13.84 -13.58
C PRO C 33 8.99 -15.14 -13.22
N ILE C 34 8.29 -15.10 -12.08
CA ILE C 34 7.50 -16.23 -11.60
C ILE C 34 6.07 -15.73 -11.37
N ASP C 35 5.18 -16.68 -11.08
CA ASP C 35 3.75 -16.40 -10.99
C ASP C 35 3.41 -15.98 -9.57
N ILE C 36 3.74 -14.74 -9.24
CA ILE C 36 3.34 -14.14 -7.97
C ILE C 36 1.84 -13.85 -8.03
N PRO C 37 1.07 -14.23 -7.02
CA PRO C 37 -0.39 -14.06 -7.10
C PRO C 37 -0.81 -12.61 -7.05
N GLY C 38 -1.91 -12.32 -7.75
CA GLY C 38 -2.55 -11.03 -7.63
C GLY C 38 -1.98 -9.95 -8.52
N GLU C 39 -1.86 -10.24 -9.81
CA GLU C 39 -1.29 -9.27 -10.73
C GLU C 39 -2.32 -8.24 -11.12
N VAL C 40 -1.95 -6.98 -11.05
CA VAL C 40 -2.80 -5.87 -11.46
C VAL C 40 -2.49 -5.54 -12.90
N LYS C 41 -3.48 -5.68 -13.78
CA LYS C 41 -3.29 -5.39 -15.19
C LYS C 41 -3.73 -3.99 -15.58
N ASN C 42 -4.39 -3.26 -14.68
CA ASN C 42 -5.04 -2.00 -14.98
C ASN C 42 -5.46 -1.36 -13.66
N MET C 43 -5.49 -0.01 -13.64
CA MET C 43 -5.92 0.73 -12.46
C MET C 43 -7.37 0.48 -12.07
N MET C 44 -8.17 -0.08 -12.96
CA MET C 44 -9.58 -0.28 -12.66
C MET C 44 -9.85 -1.46 -11.75
N GLU C 45 -8.88 -2.34 -11.55
CA GLU C 45 -9.00 -3.36 -10.53
C GLU C 45 -8.53 -2.89 -9.16
N LEU C 46 -8.45 -1.58 -8.96
CA LEU C 46 -8.28 -0.97 -7.65
C LEU C 46 -9.49 -0.13 -7.26
N ALA C 47 -10.10 0.55 -8.23
CA ALA C 47 -11.29 1.32 -7.93
C ALA C 47 -12.48 0.41 -7.68
N GLU C 48 -12.56 -0.71 -8.40
CA GLU C 48 -13.71 -1.60 -8.29
C GLU C 48 -13.67 -2.47 -7.04
N ILE C 49 -12.64 -2.37 -6.21
CA ILE C 49 -12.64 -3.07 -4.94
C ILE C 49 -13.43 -2.27 -3.92
N ASP C 50 -14.36 -2.94 -3.25
CA ASP C 50 -15.32 -2.29 -2.38
C ASP C 50 -14.65 -1.77 -1.11
N THR C 51 -14.68 -0.45 -0.89
CA THR C 51 -14.00 0.15 0.24
C THR C 51 -14.92 1.06 1.04
N MET C 52 -14.58 1.27 2.30
CA MET C 52 -15.41 2.00 3.25
C MET C 52 -15.17 3.50 3.14
N ILE C 53 -16.23 4.28 3.37
CA ILE C 53 -16.11 5.74 3.35
C ILE C 53 -16.27 6.28 4.76
N PRO C 54 -15.70 7.43 5.08
CA PRO C 54 -16.00 8.07 6.36
C PRO C 54 -17.23 8.95 6.25
N LEU C 55 -18.20 8.76 7.14
CA LEU C 55 -19.46 9.47 7.03
C LEU C 55 -19.59 10.55 8.08
N ASN C 56 -19.43 10.18 9.35
CA ASN C 56 -19.71 11.06 10.47
C ASN C 56 -18.44 11.83 10.76
N LEU C 57 -18.29 13.00 10.12
CA LEU C 57 -17.09 13.83 10.27
C LEU C 57 -17.33 15.03 11.18
N GLU C 58 -18.09 14.88 12.24
CA GLU C 58 -18.27 15.98 13.18
C GLU C 58 -16.98 16.22 13.95
N ASN C 59 -16.92 17.38 14.61
CA ASN C 59 -15.63 17.89 15.07
C ASN C 59 -15.14 17.16 16.31
N THR C 60 -16.03 16.45 16.99
CA THR C 60 -15.57 15.63 18.11
C THR C 60 -14.93 14.34 17.60
N LYS C 61 -15.45 13.79 16.50
CA LYS C 61 -15.09 12.44 16.10
C LYS C 61 -14.50 12.35 14.71
N ARG C 62 -14.16 13.46 14.07
CA ARG C 62 -13.38 13.34 12.86
C ARG C 62 -11.93 13.05 13.21
N ASN C 63 -11.24 12.39 12.26
CA ASN C 63 -9.86 11.90 12.42
C ASN C 63 -9.73 11.02 13.65
N THR C 64 -10.73 10.17 13.86
CA THR C 64 -10.81 9.29 15.00
C THR C 64 -11.30 7.96 14.45
N MET C 65 -11.32 6.92 15.30
CA MET C 65 -11.80 5.61 14.87
C MET C 65 -13.28 5.62 14.53
N ASP C 66 -14.07 6.43 15.24
CA ASP C 66 -15.51 6.38 15.15
C ASP C 66 -16.09 7.34 14.14
N MET C 67 -15.34 7.71 13.11
CA MET C 67 -15.86 8.56 12.07
C MET C 67 -16.48 7.79 10.94
N TYR C 68 -16.45 6.46 11.01
CA TYR C 68 -16.98 5.64 9.93
C TYR C 68 -18.42 5.21 10.16
N ARG C 69 -18.90 5.23 11.38
CA ARG C 69 -20.20 4.65 11.68
C ARG C 69 -21.22 5.76 11.93
N VAL C 70 -22.46 5.49 11.61
CA VAL C 70 -23.55 6.43 11.78
C VAL C 70 -24.49 5.90 12.85
N THR C 71 -24.75 6.70 13.87
CA THR C 71 -25.60 6.29 14.98
C THR C 71 -27.06 6.52 14.57
N LEU C 72 -27.79 5.43 14.37
CA LEU C 72 -29.23 5.48 14.16
C LEU C 72 -29.91 4.65 15.23
N SER C 73 -31.02 5.16 15.76
CA SER C 73 -31.58 4.58 16.97
C SER C 73 -33.09 4.58 16.86
N ASP C 74 -33.74 4.23 17.98
CA ASP C 74 -35.19 4.21 18.03
C ASP C 74 -35.76 5.59 18.31
N SER C 75 -35.07 6.40 19.12
CA SER C 75 -35.53 7.74 19.47
C SER C 75 -35.15 8.79 18.45
N ALA C 76 -34.79 8.40 17.23
CA ALA C 76 -34.45 9.38 16.22
C ALA C 76 -35.72 9.96 15.61
N ASP C 77 -35.62 11.19 15.12
CA ASP C 77 -36.73 11.83 14.44
C ASP C 77 -36.94 11.20 13.07
N LEU C 78 -38.20 11.05 12.70
CA LEU C 78 -38.55 10.30 11.50
C LEU C 78 -38.56 11.16 10.24
N SER C 79 -38.68 12.47 10.38
CA SER C 79 -38.75 13.34 9.22
C SER C 79 -37.40 13.84 8.76
N GLN C 80 -36.37 13.67 9.55
CA GLN C 80 -35.04 14.19 9.27
C GLN C 80 -34.17 13.12 8.63
N PRO C 81 -33.29 13.52 7.71
CA PRO C 81 -32.46 12.53 7.03
C PRO C 81 -31.37 11.97 7.93
N ILE C 82 -30.99 10.73 7.64
CA ILE C 82 -29.91 10.12 8.39
C ILE C 82 -28.56 10.64 7.93
N LEU C 83 -28.32 10.63 6.62
CA LEU C 83 -27.05 11.10 6.10
C LEU C 83 -27.25 11.63 4.69
N CYS C 84 -26.47 12.64 4.35
CA CYS C 84 -26.63 13.35 3.09
C CYS C 84 -25.28 13.72 2.53
N PHE C 85 -25.04 13.38 1.27
CA PHE C 85 -23.78 13.76 0.63
C PHE C 85 -23.97 13.75 -0.87
N SER C 86 -23.31 14.70 -1.54
CA SER C 86 -23.38 14.75 -2.99
C SER C 86 -22.45 13.72 -3.60
N LEU C 87 -22.62 13.50 -4.89
CA LEU C 87 -21.87 12.48 -5.61
C LEU C 87 -20.75 13.15 -6.43
N SER C 88 -19.71 13.55 -5.73
CA SER C 88 -18.55 14.19 -6.34
C SER C 88 -17.32 13.45 -5.83
N PRO C 89 -16.88 12.39 -6.50
CA PRO C 89 -15.91 11.45 -5.90
C PRO C 89 -14.48 11.97 -5.80
N ALA C 90 -14.21 13.24 -6.00
CA ALA C 90 -12.90 13.77 -5.67
C ALA C 90 -12.93 15.07 -4.88
N SER C 91 -14.03 15.83 -4.93
CA SER C 91 -14.11 17.10 -4.23
C SER C 91 -14.94 17.04 -2.97
N ASP C 92 -15.84 16.08 -2.85
CA ASP C 92 -16.59 15.92 -1.62
C ASP C 92 -15.65 15.35 -0.57
N PRO C 93 -15.53 15.97 0.61
CA PRO C 93 -14.54 15.51 1.58
C PRO C 93 -14.88 14.19 2.23
N ARG C 94 -16.12 13.73 2.12
CA ARG C 94 -16.47 12.39 2.58
C ARG C 94 -16.14 11.31 1.57
N LEU C 95 -15.79 11.67 0.34
CA LEU C 95 -15.47 10.68 -0.69
C LEU C 95 -14.11 10.91 -1.32
N SER C 96 -13.31 11.83 -0.79
CA SER C 96 -12.03 12.12 -1.42
C SER C 96 -10.97 11.11 -1.03
N HIS C 97 -10.99 10.65 0.20
CA HIS C 97 -9.95 9.78 0.73
C HIS C 97 -10.31 8.31 0.67
N THR C 98 -11.36 7.95 -0.06
CA THR C 98 -11.66 6.56 -0.31
C THR C 98 -10.72 6.06 -1.41
N MET C 99 -10.66 4.73 -1.59
CA MET C 99 -9.87 4.17 -2.68
C MET C 99 -10.41 4.58 -4.04
N LEU C 100 -11.72 4.74 -4.16
CA LEU C 100 -12.26 5.35 -5.38
C LEU C 100 -11.83 6.81 -5.48
N GLY C 101 -11.73 7.49 -4.34
CA GLY C 101 -11.26 8.86 -4.38
C GLY C 101 -9.78 8.96 -4.67
N GLU C 102 -8.97 8.11 -4.05
CA GLU C 102 -7.52 8.20 -4.18
C GLU C 102 -7.01 7.77 -5.56
N VAL C 103 -7.86 7.18 -6.40
CA VAL C 103 -7.52 6.93 -7.79
C VAL C 103 -8.01 8.07 -8.69
N LEU C 104 -9.21 8.56 -8.45
CA LEU C 104 -9.75 9.65 -9.26
C LEU C 104 -9.11 10.99 -8.99
N ASN C 105 -8.24 11.15 -8.00
CA ASN C 105 -7.51 12.40 -7.92
C ASN C 105 -6.31 12.44 -8.85
N TYR C 106 -5.92 11.31 -9.41
CA TYR C 106 -4.88 11.34 -10.41
C TYR C 106 -5.42 11.67 -11.79
N TYR C 107 -6.68 11.37 -12.05
CA TYR C 107 -7.26 11.55 -13.37
C TYR C 107 -8.26 12.69 -13.36
N THR C 108 -8.31 13.44 -14.45
CA THR C 108 -9.18 14.60 -14.49
C THR C 108 -10.63 14.23 -14.77
N HIS C 109 -10.87 13.51 -15.85
CA HIS C 109 -12.22 13.17 -16.26
C HIS C 109 -12.59 11.78 -15.74
N TRP C 110 -13.87 11.56 -15.53
CA TRP C 110 -14.33 10.23 -15.16
C TRP C 110 -15.74 10.04 -15.66
N ALA C 111 -16.11 8.78 -15.89
CA ALA C 111 -17.49 8.43 -16.19
C ALA C 111 -17.71 6.98 -15.86
N GLY C 112 -18.93 6.65 -15.50
CA GLY C 112 -19.29 5.27 -15.17
C GLY C 112 -20.25 5.22 -14.01
N SER C 113 -21.04 4.17 -13.99
CA SER C 113 -22.02 3.99 -12.93
C SER C 113 -21.34 3.37 -11.73
N LEU C 114 -21.46 4.01 -10.57
CA LEU C 114 -20.81 3.53 -9.37
C LEU C 114 -21.85 3.16 -8.33
N LYS C 115 -21.53 2.16 -7.52
CA LYS C 115 -22.51 1.51 -6.66
C LYS C 115 -22.14 1.64 -5.19
N PHE C 116 -23.16 1.70 -4.35
CA PHE C 116 -23.03 1.82 -2.91
C PHE C 116 -23.53 0.56 -2.24
N THR C 117 -22.97 0.24 -1.08
CA THR C 117 -23.35 -0.95 -0.34
C THR C 117 -23.33 -0.62 1.13
N PHE C 118 -24.49 -0.60 1.76
CA PHE C 118 -24.56 -0.30 3.18
C PHE C 118 -24.62 -1.60 3.96
N LEU C 119 -24.22 -1.52 5.23
CA LEU C 119 -24.14 -2.70 6.07
C LEU C 119 -24.71 -2.35 7.44
N PHE C 120 -25.74 -3.07 7.86
CA PHE C 120 -26.36 -2.86 9.15
C PHE C 120 -25.75 -3.84 10.14
N CYS C 121 -25.13 -3.32 11.19
CA CYS C 121 -24.44 -4.14 12.16
C CYS C 121 -25.04 -3.97 13.55
N GLY C 122 -26.36 -3.93 13.64
CA GLY C 122 -27.05 -3.99 14.90
C GLY C 122 -27.25 -5.41 15.36
N SER C 123 -28.15 -5.58 16.33
CA SER C 123 -28.44 -6.90 16.86
C SER C 123 -29.34 -7.67 15.90
N MET C 124 -29.60 -8.92 16.24
CA MET C 124 -30.42 -9.78 15.40
C MET C 124 -31.90 -9.43 15.49
N MET C 125 -32.37 -8.99 16.65
CA MET C 125 -33.79 -8.73 16.85
C MET C 125 -34.25 -7.40 16.30
N ALA C 126 -33.34 -6.50 15.93
CA ALA C 126 -33.74 -5.20 15.43
C ALA C 126 -34.22 -5.30 13.99
N THR C 127 -35.33 -4.63 13.69
CA THR C 127 -35.92 -4.63 12.36
C THR C 127 -36.08 -3.19 11.90
N GLY C 128 -36.81 -3.01 10.81
CA GLY C 128 -37.08 -1.70 10.25
C GLY C 128 -36.85 -1.66 8.76
N LYS C 129 -37.22 -0.53 8.17
CA LYS C 129 -37.02 -0.29 6.75
C LYS C 129 -36.38 1.07 6.56
N ILE C 130 -35.48 1.15 5.59
CA ILE C 130 -34.75 2.36 5.28
C ILE C 130 -34.94 2.67 3.80
N LEU C 131 -35.24 3.92 3.49
CA LEU C 131 -35.33 4.39 2.11
C LEU C 131 -34.05 5.13 1.77
N VAL C 132 -33.26 4.60 0.85
CA VAL C 132 -32.10 5.27 0.31
C VAL C 132 -32.42 5.77 -1.09
N ALA C 133 -32.08 7.02 -1.38
CA ALA C 133 -32.56 7.69 -2.59
C ALA C 133 -31.44 8.47 -3.25
N TYR C 134 -31.55 8.61 -4.56
CA TYR C 134 -30.64 9.37 -5.41
C TYR C 134 -31.44 10.37 -6.22
N ALA C 135 -30.85 11.53 -6.45
CA ALA C 135 -31.54 12.55 -7.22
C ALA C 135 -30.56 13.25 -8.15
N PRO C 136 -30.83 13.30 -9.44
CA PRO C 136 -29.96 14.03 -10.37
C PRO C 136 -29.99 15.51 -10.10
N PRO C 137 -28.95 16.26 -10.51
CA PRO C 137 -28.89 17.69 -10.16
C PRO C 137 -29.88 18.55 -10.91
N GLY C 138 -29.93 19.83 -10.55
CA GLY C 138 -30.82 20.79 -11.18
C GLY C 138 -31.85 21.37 -10.24
N ALA C 139 -32.26 20.64 -9.22
CA ALA C 139 -33.27 21.09 -8.28
C ALA C 139 -32.60 21.39 -6.95
N GLN C 140 -33.40 21.70 -5.94
CA GLN C 140 -32.87 21.80 -4.60
C GLN C 140 -32.52 20.40 -4.10
N PRO C 141 -31.56 20.29 -3.19
CA PRO C 141 -31.32 19.02 -2.54
C PRO C 141 -32.51 18.63 -1.70
N PRO C 142 -32.94 17.38 -1.74
CA PRO C 142 -34.17 16.99 -1.06
C PRO C 142 -33.99 17.02 0.45
N THR C 143 -34.98 17.60 1.12
CA THR C 143 -34.92 17.82 2.56
C THR C 143 -35.73 16.79 3.33
N SER C 144 -37.00 16.62 2.99
CA SER C 144 -37.86 15.66 3.65
C SER C 144 -38.14 14.49 2.72
N ARG C 145 -38.82 13.48 3.26
CA ARG C 145 -39.06 12.26 2.51
C ARG C 145 -40.11 12.47 1.42
N LYS C 146 -40.97 13.47 1.61
CA LYS C 146 -42.07 13.72 0.68
C LYS C 146 -41.58 14.10 -0.71
N GLU C 147 -40.44 14.78 -0.81
CA GLU C 147 -39.89 15.17 -2.09
C GLU C 147 -38.67 14.35 -2.49
N ALA C 148 -38.30 13.36 -1.70
CA ALA C 148 -37.14 12.54 -2.03
C ALA C 148 -37.50 11.16 -2.54
N MET C 149 -38.77 10.78 -2.47
CA MET C 149 -39.24 9.53 -3.04
C MET C 149 -39.47 9.60 -4.54
N LEU C 150 -39.29 10.78 -5.15
CA LEU C 150 -39.59 10.93 -6.57
C LEU C 150 -38.46 10.37 -7.43
N GLY C 151 -37.22 10.58 -7.01
CA GLY C 151 -36.08 10.11 -7.76
C GLY C 151 -35.88 8.61 -7.65
N THR C 152 -34.75 8.15 -8.18
CA THR C 152 -34.40 6.74 -8.12
C THR C 152 -34.09 6.34 -6.70
N HIS C 153 -34.82 5.36 -6.18
CA HIS C 153 -34.65 5.00 -4.78
C HIS C 153 -34.87 3.51 -4.58
N VAL C 154 -34.29 3.01 -3.50
CA VAL C 154 -34.39 1.60 -3.14
C VAL C 154 -34.88 1.48 -1.71
N ILE C 155 -36.06 0.92 -1.51
CA ILE C 155 -36.50 0.65 -0.14
C ILE C 155 -35.73 -0.56 0.36
N TRP C 156 -34.94 -0.35 1.40
CA TRP C 156 -34.06 -1.39 1.92
C TRP C 156 -34.57 -1.90 3.24
N ASP C 157 -34.74 -3.21 3.32
CA ASP C 157 -35.23 -3.88 4.51
C ASP C 157 -34.05 -4.25 5.40
N LEU C 158 -34.30 -4.31 6.71
CA LEU C 158 -33.28 -4.67 7.67
C LEU C 158 -33.49 -6.04 8.28
N GLY C 159 -34.61 -6.70 8.00
CA GLY C 159 -34.93 -7.94 8.67
C GLY C 159 -34.47 -9.17 7.92
N LEU C 160 -34.70 -9.21 6.62
CA LEU C 160 -34.33 -10.38 5.84
C LEU C 160 -32.82 -10.43 5.62
N GLN C 161 -32.27 -9.43 4.95
CA GLN C 161 -30.85 -9.31 4.76
C GLN C 161 -30.31 -8.22 5.66
N SER C 162 -29.02 -7.96 5.57
CA SER C 162 -28.39 -6.91 6.33
C SER C 162 -27.53 -6.02 5.44
N SER C 163 -27.82 -5.99 4.13
CA SER C 163 -27.03 -5.22 3.19
C SER C 163 -27.86 -4.92 1.95
N CYS C 164 -27.78 -3.68 1.47
CA CYS C 164 -28.40 -3.33 0.20
C CYS C 164 -27.33 -3.18 -0.86
N THR C 165 -27.77 -2.83 -2.06
CA THR C 165 -26.87 -2.57 -3.18
C THR C 165 -27.60 -1.61 -4.11
N MET C 166 -27.13 -0.38 -4.18
CA MET C 166 -27.79 0.63 -4.98
C MET C 166 -26.85 1.06 -6.09
N VAL C 167 -27.20 0.72 -7.33
CA VAL C 167 -26.37 1.06 -8.48
C VAL C 167 -26.87 2.40 -8.99
N VAL C 168 -26.11 3.45 -8.70
CA VAL C 168 -26.37 4.79 -9.22
C VAL C 168 -26.12 4.78 -10.72
N PRO C 169 -27.09 5.09 -11.55
CA PRO C 169 -26.88 5.01 -13.00
C PRO C 169 -26.03 6.16 -13.53
N TRP C 170 -25.78 6.16 -14.83
CA TRP C 170 -24.98 7.21 -15.47
C TRP C 170 -25.92 8.09 -16.29
N ILE C 171 -26.43 9.13 -15.67
CA ILE C 171 -27.25 10.13 -16.34
C ILE C 171 -26.42 11.41 -16.39
N SER C 172 -25.97 11.79 -17.58
CA SER C 172 -25.21 13.01 -17.73
C SER C 172 -25.34 13.54 -19.13
N ASN C 173 -25.38 14.87 -19.25
CA ASN C 173 -25.40 15.50 -20.56
C ASN C 173 -24.05 15.38 -21.26
N VAL C 174 -22.97 15.56 -20.51
CA VAL C 174 -21.63 15.44 -21.06
C VAL C 174 -21.18 13.99 -20.96
N THR C 175 -20.22 13.62 -21.80
CA THR C 175 -19.72 12.25 -21.79
C THR C 175 -18.87 12.00 -20.55
N TYR C 176 -18.04 12.97 -20.19
CA TYR C 176 -17.12 12.85 -19.07
C TYR C 176 -17.34 13.99 -18.09
N ARG C 177 -17.55 13.65 -16.82
CA ARG C 177 -17.61 14.66 -15.78
C ARG C 177 -16.20 14.96 -15.30
N GLN C 178 -16.06 15.89 -14.37
CA GLN C 178 -14.74 16.24 -13.86
C GLN C 178 -14.57 15.81 -12.42
N THR C 179 -13.31 15.72 -12.00
CA THR C 179 -12.92 15.42 -10.63
C THR C 179 -12.60 16.67 -9.83
N THR C 180 -13.24 17.79 -10.15
CA THR C 180 -13.06 19.00 -9.39
C THR C 180 -14.41 19.47 -8.86
N GLN C 181 -14.36 20.39 -7.91
CA GLN C 181 -15.58 21.01 -7.41
C GLN C 181 -16.08 21.99 -8.46
N ASP C 182 -17.00 21.53 -9.30
CA ASP C 182 -17.55 22.35 -10.36
C ASP C 182 -19.07 22.33 -10.25
N SER C 183 -19.69 23.41 -10.72
CA SER C 183 -21.12 23.54 -10.71
C SER C 183 -21.76 23.26 -12.06
N PHE C 184 -20.98 23.26 -13.14
CA PHE C 184 -21.55 22.91 -14.44
C PHE C 184 -21.78 21.42 -14.56
N THR C 185 -20.89 20.60 -14.01
CA THR C 185 -21.02 19.14 -14.02
C THR C 185 -21.14 18.70 -12.56
N GLU C 186 -22.35 18.76 -12.03
CA GLU C 186 -22.61 18.32 -10.66
C GLU C 186 -23.11 16.88 -10.70
N GLY C 187 -22.66 16.08 -9.74
CA GLY C 187 -23.01 14.68 -9.71
C GLY C 187 -24.46 14.40 -9.38
N GLY C 188 -24.86 14.69 -8.16
CA GLY C 188 -26.21 14.39 -7.73
C GLY C 188 -26.33 14.58 -6.23
N TYR C 189 -27.25 13.83 -5.64
CA TYR C 189 -27.41 13.87 -4.19
C TYR C 189 -27.80 12.48 -3.72
N ILE C 190 -27.35 12.12 -2.52
CA ILE C 190 -27.70 10.87 -1.88
C ILE C 190 -28.31 11.19 -0.53
N SER C 191 -29.43 10.56 -0.22
CA SER C 191 -30.06 10.79 1.07
C SER C 191 -30.67 9.48 1.56
N MET C 192 -30.78 9.35 2.88
CA MET C 192 -31.31 8.13 3.49
C MET C 192 -32.32 8.52 4.56
N PHE C 193 -33.57 8.12 4.38
CA PHE C 193 -34.63 8.44 5.32
C PHE C 193 -35.15 7.16 5.94
N TYR C 194 -35.88 7.31 7.04
CA TYR C 194 -36.58 6.19 7.64
C TYR C 194 -37.86 5.97 6.86
N GLN C 195 -37.97 4.81 6.24
CA GLN C 195 -39.27 4.38 5.74
C GLN C 195 -40.23 4.16 6.90
N THR C 196 -39.88 3.24 7.79
CA THR C 196 -40.57 3.07 9.06
C THR C 196 -39.55 3.17 10.18
N ARG C 197 -40.05 3.41 11.39
CA ARG C 197 -39.20 3.53 12.56
C ARG C 197 -38.54 2.19 12.87
N ILE C 198 -37.34 2.25 13.45
CA ILE C 198 -36.69 1.03 13.93
C ILE C 198 -37.46 0.49 15.13
N VAL C 199 -37.78 -0.80 15.10
CA VAL C 199 -38.50 -1.45 16.18
C VAL C 199 -37.54 -2.36 16.91
N VAL C 200 -37.35 -2.11 18.21
CA VAL C 200 -36.38 -2.83 19.01
C VAL C 200 -37.09 -3.35 20.26
N PRO C 201 -36.97 -4.64 20.58
CA PRO C 201 -37.62 -5.16 21.80
C PRO C 201 -36.88 -4.74 23.06
N LEU C 202 -37.40 -5.13 24.21
CA LEU C 202 -36.70 -4.89 25.46
C LEU C 202 -35.53 -5.85 25.61
N SER C 203 -34.58 -5.46 26.49
CA SER C 203 -33.29 -6.13 26.69
C SER C 203 -32.51 -6.25 25.38
N THR C 204 -32.44 -5.14 24.66
CA THR C 204 -31.75 -5.05 23.37
C THR C 204 -31.26 -3.61 23.27
N PRO C 205 -30.02 -3.37 22.83
CA PRO C 205 -29.50 -2.00 22.80
C PRO C 205 -30.22 -1.12 21.78
N LYS C 206 -30.49 0.11 22.18
CA LYS C 206 -31.28 1.01 21.36
C LYS C 206 -30.47 1.71 20.29
N SER C 207 -29.15 1.78 20.44
CA SER C 207 -28.30 2.52 19.51
C SER C 207 -27.60 1.52 18.60
N MET C 208 -28.04 1.45 17.36
CA MET C 208 -27.42 0.57 16.38
C MET C 208 -26.29 1.31 15.67
N SER C 209 -25.80 0.74 14.58
CA SER C 209 -24.69 1.33 13.86
C SER C 209 -24.79 0.93 12.40
N MET C 210 -24.18 1.73 11.53
CA MET C 210 -24.28 1.51 10.11
C MET C 210 -22.96 1.85 9.43
N LEU C 211 -22.52 0.99 8.52
CA LEU C 211 -21.32 1.23 7.73
C LEU C 211 -21.69 1.34 6.27
N GLY C 212 -21.10 2.32 5.57
CA GLY C 212 -21.39 2.53 4.17
C GLY C 212 -20.18 2.38 3.28
N PHE C 213 -20.33 1.71 2.14
CA PHE C 213 -19.22 1.40 1.25
C PHE C 213 -19.42 2.10 -0.08
N VAL C 214 -18.47 1.91 -1.00
CA VAL C 214 -18.59 2.47 -2.35
C VAL C 214 -17.75 1.60 -3.28
N SER C 215 -18.14 1.54 -4.55
CA SER C 215 -17.40 0.76 -5.54
C SER C 215 -17.53 1.45 -6.89
N ALA C 216 -17.26 0.67 -7.93
CA ALA C 216 -17.50 1.09 -9.30
C ALA C 216 -17.84 -0.14 -10.13
N CYS C 217 -18.74 0.02 -11.09
CA CYS C 217 -19.15 -1.12 -11.91
C CYS C 217 -18.11 -1.36 -13.00
N ASN C 218 -18.39 -2.29 -13.90
CA ASN C 218 -17.42 -2.68 -14.92
C ASN C 218 -17.43 -1.76 -16.14
N ASP C 219 -18.07 -0.60 -16.07
CA ASP C 219 -18.05 0.35 -17.16
C ASP C 219 -17.44 1.69 -16.76
N PHE C 220 -16.82 1.76 -15.58
CA PHE C 220 -16.19 2.98 -15.12
C PHE C 220 -14.91 3.20 -15.92
N SER C 221 -14.59 4.47 -16.19
CA SER C 221 -13.40 4.79 -16.98
C SER C 221 -12.99 6.22 -16.73
N VAL C 222 -11.67 6.47 -16.81
CA VAL C 222 -11.08 7.77 -16.54
C VAL C 222 -10.08 8.10 -17.65
N ARG C 223 -9.65 9.36 -17.70
CA ARG C 223 -8.58 9.76 -18.59
C ARG C 223 -7.89 11.01 -18.09
N LEU C 224 -6.79 11.36 -18.77
CA LEU C 224 -5.97 12.57 -18.57
C LEU C 224 -5.39 12.62 -17.15
N LEU C 225 -4.39 11.77 -16.96
CA LEU C 225 -3.58 11.75 -15.74
C LEU C 225 -2.97 13.11 -15.43
N ARG C 226 -2.96 13.47 -14.15
CA ARG C 226 -2.36 14.72 -13.68
C ARG C 226 -1.90 14.52 -12.24
N ASP C 227 -1.60 15.62 -11.56
CA ASP C 227 -0.99 15.57 -10.25
C ASP C 227 -2.03 15.26 -9.18
N THR C 228 -1.63 15.30 -7.93
CA THR C 228 -2.56 15.07 -6.82
C THR C 228 -2.38 16.16 -5.77
N THR C 229 -3.35 16.23 -4.86
CA THR C 229 -3.32 17.23 -3.79
C THR C 229 -3.40 16.60 -2.41
N HIS C 230 -3.24 15.28 -2.31
CA HIS C 230 -3.29 14.59 -1.04
C HIS C 230 -1.91 14.34 -0.46
N ILE C 231 -0.95 15.21 -0.75
CA ILE C 231 0.39 15.09 -0.21
C ILE C 231 0.98 16.48 -0.16
N SER C 232 1.99 16.67 0.69
CA SER C 232 2.70 17.94 0.79
C SER C 232 4.08 17.65 1.36
N GLN C 233 5.12 17.99 0.61
CA GLN C 233 6.51 17.76 1.05
C GLN C 233 6.98 19.01 1.78
N SER C 234 6.89 18.97 3.09
CA SER C 234 7.24 20.11 3.93
C SER C 234 8.77 20.23 4.00
N ALA C 235 9.33 21.08 3.16
CA ALA C 235 10.77 21.31 3.15
C ALA C 235 11.09 22.74 3.56
N ILE D 25 -4.65 4.09 -41.83
CA ILE D 25 -3.53 4.86 -41.28
C ILE D 25 -2.80 4.03 -40.24
N ASN D 26 -1.50 3.85 -40.45
CA ASN D 26 -0.65 3.13 -39.51
C ASN D 26 0.68 3.86 -39.42
N TYR D 27 1.67 3.20 -38.82
CA TYR D 27 2.97 3.79 -38.61
C TYR D 27 4.02 2.69 -38.73
N THR D 28 5.25 2.98 -38.29
CA THR D 28 6.33 2.02 -38.42
C THR D 28 7.20 2.06 -37.17
N THR D 29 7.38 0.89 -36.56
CA THR D 29 8.25 0.72 -35.41
C THR D 29 9.39 -0.21 -35.79
N ILE D 30 10.62 0.28 -35.74
CA ILE D 30 11.81 -0.50 -36.06
C ILE D 30 12.73 -0.42 -34.86
N ASN D 31 12.94 -1.55 -34.19
CA ASN D 31 13.83 -1.56 -33.03
C ASN D 31 15.28 -1.50 -33.49
N TYR D 32 16.01 -0.51 -32.98
CA TYR D 32 17.35 -0.26 -33.47
C TYR D 32 18.45 -0.90 -32.63
N TYR D 33 18.22 -1.08 -31.34
CA TYR D 33 19.27 -1.51 -30.44
C TYR D 33 19.08 -2.98 -30.07
N LYS D 34 20.18 -3.61 -29.68
CA LYS D 34 20.14 -5.04 -29.38
C LYS D 34 19.53 -5.33 -28.01
N ASP D 35 19.72 -4.43 -27.06
CA ASP D 35 19.29 -4.65 -25.69
C ASP D 35 17.77 -4.57 -25.57
N SER D 36 17.23 -5.33 -24.63
CA SER D 36 15.79 -5.40 -24.41
C SER D 36 15.24 -4.16 -23.73
N ALA D 37 15.97 -3.58 -22.77
CA ALA D 37 15.52 -2.39 -22.08
C ALA D 37 15.59 -1.14 -22.94
N SER D 38 16.27 -1.19 -24.07
CA SER D 38 16.41 -0.05 -24.94
C SER D 38 15.18 0.22 -25.78
N ASN D 39 14.25 -0.73 -25.85
CA ASN D 39 13.12 -0.60 -26.75
C ASN D 39 12.09 0.36 -26.18
N ALA D 40 11.03 0.60 -26.96
CA ALA D 40 10.00 1.56 -26.62
C ALA D 40 8.76 0.84 -26.12
N ALA D 41 7.87 1.62 -25.51
CA ALA D 41 6.61 1.08 -25.00
C ALA D 41 5.65 0.80 -26.14
#